data_6BXL
#
_entry.id   6BXL
#
_cell.length_a   57.035
_cell.length_b   80.904
_cell.length_c   161.058
_cell.angle_alpha   90.00
_cell.angle_beta   90.00
_cell.angle_gamma   90.00
#
_symmetry.space_group_name_H-M   'P 21 21 21'
#
loop_
_entity.id
_entity.type
_entity.pdbx_description
1 polymer '2-(3-amino-3-carboxypropyl)histidine synthase'
2 non-polymer S-ADENOSYLMETHIONINE
3 non-polymer 'IRON/SULFUR CLUSTER'
4 water water
#
_entity_poly.entity_id   1
_entity_poly.type   'polypeptide(L)'
_entity_poly.pdbx_seq_one_letter_code
;MGSHHHHHHDITSLYKKAGSAAAVLEENLYFQGSFTMLHEIPKSEILKELKRIGAKRVLIQSPEGLRREAEELAGFLEEN
NIEVFLHGEINYGACDPADREAKLVGCDALIHLGHSYMKLPLEVPTIFVPAFARVSVVEALKENIGEIKKLGRKIIVTTT
AQHIHQLKEAKEFLESEGFEVSIGRGDSRISWPGQVLGCNYSVAKVRGEGILFIGSGIFHPLGLAVATRKKVLAIDPYTK
AFSWIDPERFIRKRWAQIAKAMDAKKFGVIVSIKKGQLRLAEAKRIVKLLKKHGREARLIVMNDVNYHKLEGFPFEAYVV
VACPRVPLDDYGAWRKPVLTPKEVEILLGLREEYEFDEILGGPRESDEPFGISIHSTR
;
_entity_poly.pdbx_strand_id   A,B
#
# COMPACT_ATOMS: atom_id res chain seq x y z
N HIS A 39 30.62 4.98 2.83
CA HIS A 39 30.24 5.03 1.42
C HIS A 39 29.84 3.63 0.92
N GLU A 40 30.34 2.60 1.60
CA GLU A 40 30.01 1.22 1.27
C GLU A 40 28.82 0.74 2.08
N ILE A 41 28.17 -0.31 1.60
CA ILE A 41 27.29 -1.10 2.44
C ILE A 41 28.20 -2.05 3.22
N PRO A 42 28.48 -1.79 4.50
CA PRO A 42 29.44 -2.66 5.20
C PRO A 42 28.79 -4.00 5.50
N LYS A 43 28.81 -4.89 4.52
CA LYS A 43 28.15 -6.19 4.66
C LYS A 43 28.69 -6.95 5.87
N SER A 44 29.98 -6.77 6.16
CA SER A 44 30.60 -7.47 7.28
C SER A 44 30.09 -6.92 8.61
N GLU A 45 30.09 -5.60 8.78
CA GLU A 45 29.53 -5.02 10.00
C GLU A 45 28.07 -5.42 10.18
N ILE A 46 27.31 -5.49 9.07
CA ILE A 46 25.89 -5.86 9.15
C ILE A 46 25.74 -7.32 9.56
N LEU A 47 26.47 -8.21 8.89
CA LEU A 47 26.49 -9.63 9.28
C LEU A 47 26.85 -9.80 10.75
N LYS A 48 27.85 -9.05 11.24
CA LYS A 48 28.26 -9.21 12.64
C LYS A 48 27.17 -8.74 13.62
N GLU A 49 26.49 -7.64 13.28
CA GLU A 49 25.37 -7.20 14.12
C GLU A 49 24.30 -8.26 14.20
N LEU A 50 23.94 -8.83 13.04
CA LEU A 50 22.94 -9.88 12.99
C LEU A 50 23.40 -11.10 13.78
N LYS A 51 24.65 -11.52 13.55
CA LYS A 51 25.17 -12.71 14.22
C LYS A 51 25.16 -12.54 15.73
N ARG A 52 25.31 -11.32 16.21
CA ARG A 52 25.37 -11.08 17.65
C ARG A 52 24.00 -11.26 18.29
N ILE A 53 22.95 -10.76 17.64
CA ILE A 53 21.63 -10.73 18.24
C ILE A 53 20.85 -11.98 17.88
N GLY A 54 21.53 -12.97 17.32
CA GLY A 54 20.89 -14.23 16.98
C GLY A 54 19.84 -14.14 15.88
N ALA A 55 20.05 -13.25 14.90
CA ALA A 55 19.12 -13.15 13.79
C ALA A 55 19.31 -14.32 12.83
N LYS A 56 18.19 -14.92 12.41
CA LYS A 56 18.21 -16.00 11.44
C LYS A 56 17.36 -15.73 10.21
N ARG A 57 16.40 -14.82 10.28
N ARG A 57 16.43 -14.78 10.27
CA ARG A 57 15.57 -14.45 9.14
CA ARG A 57 15.55 -14.46 9.15
C ARG A 57 15.41 -12.94 9.16
C ARG A 57 15.36 -12.94 9.15
N VAL A 58 15.78 -12.28 8.08
CA VAL A 58 15.77 -10.82 8.04
C VAL A 58 15.00 -10.31 6.83
N LEU A 59 14.41 -9.13 6.99
CA LEU A 59 13.72 -8.41 5.93
C LEU A 59 14.49 -7.14 5.61
N ILE A 60 14.67 -6.85 4.32
CA ILE A 60 15.45 -5.70 3.87
C ILE A 60 14.55 -4.73 3.12
N GLN A 61 14.44 -3.51 3.63
CA GLN A 61 13.85 -2.41 2.89
C GLN A 61 14.91 -1.71 2.05
N SER A 62 14.48 -1.14 0.93
CA SER A 62 15.35 -0.30 0.12
C SER A 62 14.54 0.85 -0.48
N PRO A 63 15.16 2.00 -0.66
CA PRO A 63 14.58 3.05 -1.50
C PRO A 63 14.90 2.75 -2.96
N GLU A 64 14.44 3.65 -3.84
CA GLU A 64 14.41 3.35 -5.28
C GLU A 64 15.82 3.16 -5.83
N GLY A 65 16.80 3.94 -5.34
CA GLY A 65 18.13 3.88 -5.88
C GLY A 65 19.05 2.77 -5.37
N LEU A 66 18.58 1.93 -4.46
CA LEU A 66 19.39 0.86 -3.89
C LEU A 66 18.70 -0.50 -4.04
N ARG A 67 17.82 -0.64 -5.03
CA ARG A 67 17.15 -1.93 -5.23
C ARG A 67 18.17 -3.03 -5.51
N ARG A 68 19.19 -2.74 -6.34
CA ARG A 68 20.19 -3.76 -6.66
C ARG A 68 21.06 -4.08 -5.46
N GLU A 69 21.43 -3.06 -4.68
CA GLU A 69 22.24 -3.30 -3.49
C GLU A 69 21.49 -4.14 -2.47
N ALA A 70 20.17 -3.93 -2.35
CA ALA A 70 19.37 -4.74 -1.44
C ALA A 70 19.55 -6.22 -1.72
N GLU A 71 19.53 -6.62 -3.00
CA GLU A 71 19.61 -8.04 -3.33
C GLU A 71 21.04 -8.55 -3.20
N GLU A 72 22.04 -7.71 -3.50
CA GLU A 72 23.42 -8.15 -3.32
C GLU A 72 23.70 -8.45 -1.85
N LEU A 73 23.27 -7.56 -0.96
CA LEU A 73 23.37 -7.81 0.48
C LEU A 73 22.65 -9.09 0.87
N ALA A 74 21.44 -9.29 0.31
CA ALA A 74 20.65 -10.48 0.62
C ALA A 74 21.40 -11.75 0.26
N GLY A 75 22.01 -11.79 -0.92
CA GLY A 75 22.78 -12.97 -1.29
C GLY A 75 24.01 -13.15 -0.42
N PHE A 76 24.61 -12.05 0.04
CA PHE A 76 25.73 -12.16 0.96
C PHE A 76 25.29 -12.81 2.27
N LEU A 77 24.25 -12.25 2.90
CA LEU A 77 23.75 -12.83 4.15
C LEU A 77 23.32 -14.28 3.97
N GLU A 78 22.73 -14.61 2.83
CA GLU A 78 22.30 -16.00 2.62
C GLU A 78 23.49 -16.95 2.51
N GLU A 79 24.56 -16.51 1.85
CA GLU A 79 25.82 -17.25 1.88
C GLU A 79 26.29 -17.54 3.31
N ASN A 80 25.83 -16.74 4.28
CA ASN A 80 26.22 -16.85 5.68
C ASN A 80 25.08 -17.34 6.56
N ASN A 81 24.25 -18.24 6.03
CA ASN A 81 23.24 -18.96 6.80
C ASN A 81 22.26 -18.03 7.50
N ILE A 82 21.78 -17.03 6.76
CA ILE A 82 20.73 -16.14 7.21
C ILE A 82 19.67 -16.04 6.11
N GLU A 83 18.46 -16.50 6.40
CA GLU A 83 17.37 -16.37 5.43
C GLU A 83 17.00 -14.89 5.29
N VAL A 84 16.86 -14.43 4.05
CA VAL A 84 16.62 -13.02 3.75
C VAL A 84 15.41 -12.87 2.83
N PHE A 85 14.48 -12.01 3.21
CA PHE A 85 13.42 -11.55 2.33
C PHE A 85 13.69 -10.10 1.97
N LEU A 86 13.26 -9.72 0.78
CA LEU A 86 13.23 -8.31 0.39
C LEU A 86 11.82 -7.75 0.59
N HIS A 87 11.75 -6.50 1.03
CA HIS A 87 10.49 -5.77 1.08
C HIS A 87 10.23 -5.23 -0.31
N GLY A 88 9.17 -5.72 -0.97
CA GLY A 88 8.85 -5.29 -2.33
C GLY A 88 8.32 -3.88 -2.45
N GLU A 89 7.90 -3.28 -1.34
CA GLU A 89 7.48 -1.89 -1.38
C GLU A 89 8.69 -0.99 -1.67
N ILE A 90 8.40 0.20 -2.17
CA ILE A 90 9.44 1.20 -2.35
C ILE A 90 9.40 2.12 -1.13
N ASN A 91 10.49 2.16 -0.39
CA ASN A 91 10.50 2.91 0.85
C ASN A 91 10.85 4.36 0.58
N TYR A 92 10.10 5.28 1.16
N TYR A 92 10.04 5.26 1.15
CA TYR A 92 10.43 6.68 0.98
CA TYR A 92 10.28 6.69 1.03
C TYR A 92 11.04 7.34 2.19
C TYR A 92 11.28 7.18 2.08
N GLY A 93 11.26 6.61 3.29
CA GLY A 93 12.01 7.17 4.39
C GLY A 93 11.94 6.32 5.64
N ALA A 94 12.79 6.69 6.61
CA ALA A 94 12.85 6.00 7.89
C ALA A 94 11.60 6.24 8.75
N CYS A 95 10.76 7.20 8.37
CA CYS A 95 9.42 7.34 8.92
C CYS A 95 8.51 6.16 8.56
N ASP A 96 9.00 5.22 7.75
CA ASP A 96 8.19 4.10 7.26
C ASP A 96 8.95 2.78 7.42
N PRO A 97 9.32 2.41 8.65
CA PRO A 97 10.01 1.12 8.85
C PRO A 97 9.06 -0.05 8.59
N ALA A 98 9.62 -1.11 7.99
CA ALA A 98 8.84 -2.32 7.72
C ALA A 98 8.86 -3.30 8.87
N ASP A 99 8.95 -2.83 10.12
CA ASP A 99 9.12 -3.74 11.24
C ASP A 99 7.88 -4.59 11.48
N ARG A 100 6.69 -4.02 11.31
CA ARG A 100 5.48 -4.81 11.48
C ARG A 100 5.39 -5.89 10.41
N GLU A 101 5.73 -5.54 9.16
CA GLU A 101 5.76 -6.54 8.09
C GLU A 101 6.73 -7.67 8.40
N ALA A 102 7.91 -7.33 8.92
CA ALA A 102 8.89 -8.36 9.24
C ALA A 102 8.34 -9.30 10.30
N LYS A 103 7.77 -8.75 11.37
CA LYS A 103 7.11 -9.55 12.39
C LYS A 103 6.03 -10.46 11.81
N LEU A 104 5.33 -9.99 10.77
CA LEU A 104 4.27 -10.80 10.19
C LEU A 104 4.80 -12.05 9.51
N VAL A 105 6.00 -11.99 8.93
CA VAL A 105 6.53 -13.12 8.17
C VAL A 105 7.68 -13.80 8.92
N GLY A 106 7.66 -13.71 10.25
CA GLY A 106 8.62 -14.45 11.06
C GLY A 106 10.07 -14.00 10.95
N CYS A 107 10.31 -12.75 10.57
CA CYS A 107 11.66 -12.21 10.56
C CYS A 107 12.00 -11.66 11.94
N ASP A 108 13.17 -12.01 12.45
CA ASP A 108 13.58 -11.57 13.78
C ASP A 108 14.39 -10.28 13.75
N ALA A 109 14.64 -9.73 12.57
CA ALA A 109 15.35 -8.46 12.43
C ALA A 109 14.96 -7.80 11.12
N LEU A 110 15.13 -6.49 11.09
CA LEU A 110 14.91 -5.66 9.91
C LEU A 110 16.20 -4.94 9.53
N ILE A 111 16.44 -4.82 8.23
CA ILE A 111 17.51 -3.97 7.70
C ILE A 111 16.85 -2.87 6.88
N HIS A 112 17.16 -1.64 7.20
CA HIS A 112 16.59 -0.47 6.53
C HIS A 112 17.71 0.23 5.79
N LEU A 113 17.76 0.03 4.46
CA LEU A 113 18.85 0.61 3.69
C LEU A 113 18.53 2.05 3.33
N GLY A 114 19.57 2.90 3.30
CA GLY A 114 19.49 4.20 2.68
C GLY A 114 19.01 5.34 3.54
N HIS A 115 18.56 5.10 4.76
CA HIS A 115 18.19 6.20 5.63
C HIS A 115 18.65 5.91 7.03
N SER A 116 18.66 6.94 7.86
CA SER A 116 19.12 6.82 9.24
C SER A 116 17.92 6.87 10.16
N TYR A 117 18.12 6.30 11.34
CA TYR A 117 17.12 6.18 12.40
C TYR A 117 16.50 7.53 12.74
N MET A 118 15.16 7.52 12.86
CA MET A 118 14.39 8.53 13.58
C MET A 118 13.64 7.84 14.72
N LYS A 119 13.39 8.58 15.79
CA LYS A 119 12.86 7.94 16.98
C LYS A 119 11.47 7.39 16.71
N LEU A 120 11.34 6.07 16.83
CA LEU A 120 10.08 5.38 16.60
C LEU A 120 10.15 4.06 17.34
N PRO A 121 9.06 3.61 17.94
CA PRO A 121 9.02 2.21 18.39
C PRO A 121 9.22 1.28 17.19
N LEU A 122 9.83 0.13 17.46
CA LEU A 122 10.15 -0.86 16.42
C LEU A 122 9.89 -2.24 17.00
N GLU A 123 9.23 -3.11 16.23
CA GLU A 123 8.85 -4.41 16.75
C GLU A 123 9.93 -5.47 16.56
N VAL A 124 10.95 -5.21 15.73
CA VAL A 124 12.08 -6.11 15.59
C VAL A 124 13.36 -5.30 15.62
N PRO A 125 14.48 -5.84 16.12
CA PRO A 125 15.78 -5.17 15.96
C PRO A 125 15.97 -4.74 14.52
N THR A 126 16.43 -3.50 14.35
CA THR A 126 16.50 -2.89 13.04
C THR A 126 17.88 -2.28 12.85
N ILE A 127 18.53 -2.60 11.73
CA ILE A 127 19.82 -2.04 11.37
C ILE A 127 19.58 -0.99 10.30
N PHE A 128 19.93 0.26 10.62
CA PHE A 128 19.85 1.35 9.65
C PHE A 128 21.18 1.46 8.93
N VAL A 129 21.11 1.62 7.62
CA VAL A 129 22.32 1.69 6.80
C VAL A 129 22.27 2.96 5.98
N PRO A 130 22.59 4.11 6.56
CA PRO A 130 22.48 5.38 5.83
C PRO A 130 23.39 5.43 4.61
N ALA A 131 22.97 6.20 3.62
CA ALA A 131 23.73 6.38 2.40
C ALA A 131 24.52 7.68 2.48
N PHE A 132 25.80 7.65 2.10
CA PHE A 132 26.66 8.82 2.21
C PHE A 132 27.29 9.11 0.86
N ALA A 133 27.07 10.31 0.34
CA ALA A 133 27.69 10.72 -0.91
C ALA A 133 29.16 11.01 -0.70
N ARG A 134 29.97 10.68 -1.70
CA ARG A 134 31.40 10.90 -1.59
C ARG A 134 31.80 12.35 -1.75
N VAL A 135 30.99 13.18 -2.42
CA VAL A 135 31.48 14.46 -2.95
C VAL A 135 31.99 15.33 -1.82
N SER A 136 33.21 15.87 -2.02
CA SER A 136 33.74 16.93 -1.16
C SER A 136 32.97 18.22 -1.43
N VAL A 137 32.41 18.81 -0.39
CA VAL A 137 31.61 20.01 -0.59
C VAL A 137 32.43 21.30 -0.45
N VAL A 138 33.58 21.25 0.23
CA VAL A 138 34.32 22.50 0.48
C VAL A 138 34.60 23.22 -0.83
N GLU A 139 34.94 22.47 -1.89
CA GLU A 139 35.25 23.09 -3.18
C GLU A 139 34.12 24.00 -3.66
N ALA A 140 32.86 23.54 -3.54
CA ALA A 140 31.75 24.38 -3.98
C ALA A 140 31.58 25.61 -3.11
N LEU A 141 31.88 25.50 -1.82
CA LEU A 141 31.79 26.66 -0.93
C LEU A 141 32.80 27.73 -1.33
N LYS A 142 34.05 27.32 -1.56
CA LYS A 142 35.09 28.29 -1.91
C LYS A 142 34.77 29.00 -3.22
N GLU A 143 34.27 28.26 -4.20
CA GLU A 143 33.86 28.86 -5.47
C GLU A 143 32.88 30.02 -5.25
N ASN A 144 31.99 29.88 -4.27
CA ASN A 144 30.89 30.83 -4.07
C ASN A 144 31.05 31.65 -2.78
N ILE A 145 32.29 31.83 -2.32
CA ILE A 145 32.49 32.46 -1.01
C ILE A 145 31.92 33.88 -0.98
N GLY A 146 31.82 34.53 -2.13
CA GLY A 146 31.26 35.87 -2.19
C GLY A 146 29.75 35.90 -1.97
N GLU A 147 29.04 34.93 -2.54
CA GLU A 147 27.60 34.86 -2.28
C GLU A 147 27.34 34.47 -0.82
N ILE A 148 28.16 33.59 -0.26
CA ILE A 148 27.96 33.17 1.13
C ILE A 148 28.11 34.35 2.08
N LYS A 149 29.05 35.26 1.78
CA LYS A 149 29.27 36.40 2.68
C LYS A 149 28.04 37.29 2.75
N LYS A 150 27.21 37.30 1.69
CA LYS A 150 25.98 38.08 1.71
C LYS A 150 24.96 37.57 2.73
N LEU A 151 25.21 36.41 3.36
CA LEU A 151 24.30 35.95 4.40
C LEU A 151 24.54 36.64 5.73
N GLY A 152 25.69 37.26 5.92
CA GLY A 152 26.03 37.88 7.18
C GLY A 152 27.15 37.13 7.89
N ARG A 153 27.56 37.72 9.02
CA ARG A 153 28.71 37.20 9.75
C ARG A 153 28.39 35.83 10.36
N LYS A 154 27.29 35.71 11.08
CA LYS A 154 26.90 34.45 11.70
C LYS A 154 25.87 33.75 10.81
N ILE A 155 26.20 32.54 10.37
CA ILE A 155 25.40 31.82 9.39
C ILE A 155 24.94 30.50 9.96
N ILE A 156 23.82 29.99 9.43
CA ILE A 156 23.26 28.70 9.80
C ILE A 156 23.52 27.73 8.66
N VAL A 157 24.15 26.60 8.97
CA VAL A 157 24.61 25.67 7.94
C VAL A 157 23.81 24.38 8.03
N THR A 158 23.25 23.95 6.90
CA THR A 158 22.37 22.80 6.83
C THR A 158 22.66 21.99 5.57
N THR A 159 22.42 20.69 5.66
CA THR A 159 22.55 19.80 4.53
C THR A 159 21.64 18.61 4.76
N THR A 160 21.61 17.71 3.77
CA THR A 160 20.82 16.49 3.85
C THR A 160 21.70 15.33 4.32
N ALA A 161 21.05 14.20 4.59
CA ALA A 161 21.73 13.06 5.21
C ALA A 161 22.90 12.57 4.37
N GLN A 162 22.83 12.69 3.05
CA GLN A 162 23.88 12.10 2.22
C GLN A 162 25.17 12.92 2.22
N HIS A 163 25.15 14.14 2.78
CA HIS A 163 26.36 14.93 2.96
C HIS A 163 26.64 15.26 4.41
N ILE A 164 25.96 14.60 5.36
CA ILE A 164 26.05 15.06 6.74
C ILE A 164 27.45 14.86 7.30
N HIS A 165 28.19 13.88 6.79
CA HIS A 165 29.58 13.66 7.19
C HIS A 165 30.50 14.77 6.69
N GLN A 166 30.08 15.50 5.67
CA GLN A 166 30.84 16.64 5.18
C GLN A 166 30.60 17.91 5.99
N LEU A 167 29.70 17.89 6.96
CA LEU A 167 29.37 19.11 7.69
C LEU A 167 30.54 19.58 8.54
N LYS A 168 31.31 18.64 9.11
CA LYS A 168 32.48 19.01 9.89
C LYS A 168 33.50 19.77 9.05
N GLU A 169 33.68 19.35 7.78
CA GLU A 169 34.63 20.05 6.92
C GLU A 169 34.10 21.41 6.51
N ALA A 170 32.82 21.47 6.10
CA ALA A 170 32.23 22.75 5.75
C ALA A 170 32.31 23.74 6.92
N LYS A 171 32.14 23.25 8.15
CA LYS A 171 32.22 24.12 9.30
C LYS A 171 33.62 24.72 9.43
N GLU A 172 34.65 23.86 9.51
CA GLU A 172 36.01 24.35 9.70
C GLU A 172 36.40 25.33 8.61
N PHE A 173 35.99 25.04 7.37
CA PHE A 173 36.34 25.92 6.27
C PHE A 173 35.69 27.30 6.44
N LEU A 174 34.38 27.33 6.68
CA LEU A 174 33.68 28.61 6.80
C LEU A 174 34.17 29.42 7.98
N GLU A 175 34.49 28.77 9.10
CA GLU A 175 35.13 29.49 10.19
C GLU A 175 36.48 30.03 9.75
N SER A 176 37.29 29.20 9.08
CA SER A 176 38.59 29.66 8.63
C SER A 176 38.49 30.83 7.67
N GLU A 177 37.34 31.05 7.05
CA GLU A 177 37.13 32.22 6.22
C GLU A 177 36.51 33.39 6.98
N GLY A 178 36.24 33.24 8.29
CA GLY A 178 35.73 34.33 9.09
C GLY A 178 34.30 34.20 9.58
N PHE A 179 33.51 33.27 9.05
CA PHE A 179 32.14 33.14 9.51
C PHE A 179 32.10 32.53 10.91
N GLU A 180 31.02 32.82 11.62
CA GLU A 180 30.66 32.03 12.79
C GLU A 180 29.56 31.06 12.38
N VAL A 181 29.74 29.79 12.70
CA VAL A 181 28.94 28.72 12.12
C VAL A 181 28.03 28.17 13.20
N SER A 182 26.73 28.43 13.06
CA SER A 182 25.73 27.85 13.95
C SER A 182 25.08 26.65 13.27
N ILE A 183 25.10 25.51 13.97
CA ILE A 183 24.50 24.28 13.50
C ILE A 183 23.52 23.78 14.56
N GLY A 184 22.23 23.74 14.20
CA GLY A 184 21.24 23.25 15.13
C GLY A 184 21.24 21.74 15.24
N ARG A 185 20.90 21.25 16.44
CA ARG A 185 20.90 19.82 16.70
C ARG A 185 19.73 19.11 16.04
N GLY A 186 18.55 19.73 16.03
CA GLY A 186 17.34 19.07 15.59
C GLY A 186 16.70 18.26 16.70
N ASP A 187 15.49 17.78 16.42
CA ASP A 187 14.68 17.06 17.39
C ASP A 187 14.79 15.55 17.10
N SER A 188 13.84 14.75 17.59
CA SER A 188 13.97 13.30 17.58
C SER A 188 13.68 12.66 16.23
N ARG A 189 13.16 13.40 15.25
CA ARG A 189 13.04 12.92 13.89
C ARG A 189 14.29 13.18 13.07
N ILE A 190 15.21 13.93 13.61
CA ILE A 190 16.48 14.18 12.95
C ILE A 190 17.49 13.21 13.51
N SER A 191 18.47 12.84 12.69
CA SER A 191 19.49 11.88 13.09
C SER A 191 20.81 12.52 13.51
N TRP A 192 21.17 13.67 12.96
CA TRP A 192 22.43 14.34 13.22
C TRP A 192 22.22 15.85 13.21
N PRO A 193 23.03 16.60 13.98
CA PRO A 193 22.94 18.06 13.94
C PRO A 193 23.20 18.58 12.53
N GLY A 194 22.40 19.56 12.09
CA GLY A 194 22.51 20.12 10.74
C GLY A 194 21.77 19.36 9.64
N GLN A 195 21.12 18.24 9.95
CA GLN A 195 20.42 17.44 8.95
C GLN A 195 18.98 17.89 8.82
N VAL A 196 18.55 18.23 7.59
CA VAL A 196 17.16 18.58 7.33
C VAL A 196 16.46 17.40 6.66
N LEU A 197 15.21 17.19 7.02
CA LEU A 197 14.29 16.29 6.33
C LEU A 197 13.18 17.10 5.68
N GLY A 198 12.50 16.48 4.69
CA GLY A 198 11.47 17.21 3.96
C GLY A 198 10.33 17.70 4.83
N CYS A 199 10.07 17.01 5.93
CA CYS A 199 9.07 17.40 6.91
C CYS A 199 9.65 18.18 8.10
N ASN A 200 10.96 18.33 8.20
CA ASN A 200 11.54 18.80 9.46
C ASN A 200 12.76 19.67 9.19
N TYR A 201 12.66 20.94 9.56
CA TYR A 201 13.79 21.86 9.45
C TYR A 201 14.23 22.37 10.80
N SER A 202 14.07 21.52 11.83
CA SER A 202 14.33 22.00 13.18
C SER A 202 15.78 22.38 13.38
N VAL A 203 16.70 21.73 12.67
CA VAL A 203 18.12 22.09 12.77
C VAL A 203 18.37 23.53 12.36
N ALA A 204 17.40 24.21 11.75
CA ALA A 204 17.58 25.58 11.32
C ALA A 204 17.00 26.60 12.29
N LYS A 205 16.31 26.16 13.33
CA LYS A 205 15.65 27.05 14.28
C LYS A 205 16.61 27.44 15.40
N VAL A 206 17.66 28.16 15.01
CA VAL A 206 18.70 28.63 15.93
C VAL A 206 19.06 30.04 15.54
N ARG A 207 19.76 30.72 16.45
CA ARG A 207 20.21 32.09 16.22
C ARG A 207 21.08 32.16 14.97
N GLY A 208 20.87 33.20 14.16
CA GLY A 208 21.67 33.37 12.96
C GLY A 208 21.03 34.28 11.93
N GLU A 209 21.87 35.04 11.22
CA GLU A 209 21.37 35.96 10.21
C GLU A 209 20.67 35.21 9.06
N GLY A 210 21.43 34.37 8.35
CA GLY A 210 20.89 33.63 7.22
C GLY A 210 21.31 32.17 7.26
N ILE A 211 20.75 31.40 6.33
CA ILE A 211 20.90 29.95 6.30
C ILE A 211 21.59 29.55 5.00
N LEU A 212 22.72 28.86 5.12
CA LEU A 212 23.31 28.15 4.00
C LEU A 212 22.83 26.70 3.99
N PHE A 213 22.47 26.21 2.80
CA PHE A 213 22.10 24.82 2.58
C PHE A 213 23.05 24.22 1.55
N ILE A 214 23.69 23.11 1.92
CA ILE A 214 24.60 22.40 1.02
C ILE A 214 23.87 21.20 0.46
N GLY A 215 23.63 21.18 -0.84
CA GLY A 215 22.96 20.04 -1.44
C GLY A 215 22.29 20.38 -2.75
N SER A 216 21.74 19.35 -3.36
CA SER A 216 21.08 19.52 -4.66
C SER A 216 19.57 19.65 -4.50
N GLY A 217 18.95 20.18 -5.54
CA GLY A 217 17.51 20.20 -5.61
C GLY A 217 16.89 21.40 -4.93
N ILE A 218 15.59 21.55 -5.19
CA ILE A 218 14.86 22.76 -4.87
C ILE A 218 14.05 22.62 -3.58
N PHE A 219 13.47 21.44 -3.35
CA PHE A 219 12.48 21.28 -2.28
C PHE A 219 13.04 21.72 -0.93
N HIS A 220 14.20 21.17 -0.53
CA HIS A 220 14.72 21.45 0.80
C HIS A 220 15.02 22.93 1.01
N PRO A 221 15.82 23.60 0.16
CA PRO A 221 15.99 25.05 0.35
C PRO A 221 14.68 25.79 0.49
N LEU A 222 13.73 25.49 -0.39
CA LEU A 222 12.42 26.12 -0.34
C LEU A 222 11.73 25.86 1.00
N GLY A 223 11.88 24.64 1.53
CA GLY A 223 11.37 24.36 2.86
C GLY A 223 11.97 25.23 3.93
N LEU A 224 13.30 25.40 3.90
CA LEU A 224 13.98 26.23 4.89
C LEU A 224 13.45 27.66 4.87
N ALA A 225 13.33 28.23 3.66
CA ALA A 225 12.87 29.61 3.53
C ALA A 225 11.48 29.78 4.13
N VAL A 226 10.58 28.83 3.87
CA VAL A 226 9.20 29.00 4.36
C VAL A 226 9.12 28.73 5.85
N ALA A 227 9.89 27.76 6.36
CA ALA A 227 9.80 27.37 7.76
C ALA A 227 10.53 28.35 8.67
N THR A 228 11.50 29.08 8.14
CA THR A 228 12.27 30.02 8.94
C THR A 228 12.10 31.46 8.50
N ARG A 229 11.55 31.71 7.31
CA ARG A 229 11.40 33.06 6.77
C ARG A 229 12.72 33.82 6.81
N LYS A 230 13.83 33.08 6.72
CA LYS A 230 15.16 33.67 6.67
C LYS A 230 15.75 33.55 5.28
N LYS A 231 16.69 34.44 4.97
CA LYS A 231 17.41 34.37 3.71
C LYS A 231 18.11 33.02 3.62
N VAL A 232 17.92 32.33 2.49
CA VAL A 232 18.49 31.01 2.29
C VAL A 232 19.34 31.01 1.03
N LEU A 233 20.59 30.56 1.15
CA LEU A 233 21.47 30.35 0.01
C LEU A 233 21.74 28.86 -0.16
N ALA A 234 21.39 28.33 -1.32
CA ALA A 234 21.63 26.94 -1.67
C ALA A 234 22.86 26.85 -2.56
N ILE A 235 23.69 25.85 -2.29
CA ILE A 235 24.87 25.58 -3.11
C ILE A 235 24.89 24.09 -3.44
N ASP A 236 24.87 23.77 -4.72
CA ASP A 236 24.96 22.39 -5.19
C ASP A 236 26.42 21.97 -5.15
N PRO A 237 26.78 20.92 -4.41
CA PRO A 237 28.21 20.55 -4.36
C PRO A 237 28.69 19.87 -5.62
N TYR A 238 27.79 19.37 -6.47
CA TYR A 238 28.21 18.77 -7.73
C TYR A 238 28.49 19.82 -8.78
N THR A 239 27.59 20.81 -8.91
CA THR A 239 27.67 21.79 -9.98
C THR A 239 28.34 23.07 -9.57
N LYS A 240 28.62 23.23 -8.27
CA LYS A 240 29.10 24.46 -7.66
C LYS A 240 28.16 25.62 -7.93
N ALA A 241 26.91 25.31 -8.28
CA ALA A 241 25.93 26.32 -8.63
C ALA A 241 25.23 26.82 -7.37
N PHE A 242 24.85 28.09 -7.40
CA PHE A 242 24.19 28.72 -6.27
C PHE A 242 22.85 29.28 -6.69
N SER A 243 21.91 29.30 -5.73
CA SER A 243 20.62 29.94 -5.90
C SER A 243 20.21 30.59 -4.60
N TRP A 244 19.83 31.87 -4.66
CA TRP A 244 19.14 32.52 -3.54
C TRP A 244 17.66 32.18 -3.62
N ILE A 245 17.16 31.49 -2.60
CA ILE A 245 15.80 30.98 -2.61
C ILE A 245 14.81 32.11 -2.37
N ASP A 246 13.94 32.35 -3.34
CA ASP A 246 12.79 33.20 -3.13
C ASP A 246 11.56 32.31 -3.00
N PRO A 247 10.89 32.29 -1.85
CA PRO A 247 9.70 31.46 -1.70
C PRO A 247 8.46 32.04 -2.37
N GLU A 248 8.63 33.09 -3.18
CA GLU A 248 7.48 33.86 -3.67
C GLU A 248 6.54 32.98 -4.48
N ARG A 249 7.04 32.40 -5.57
CA ARG A 249 6.19 31.60 -6.44
C ARG A 249 5.56 30.43 -5.69
N PHE A 250 6.32 29.80 -4.78
CA PHE A 250 5.76 28.68 -4.02
C PHE A 250 4.55 29.13 -3.20
N ILE A 251 4.71 30.19 -2.40
CA ILE A 251 3.62 30.64 -1.54
C ILE A 251 2.43 31.09 -2.38
N ARG A 252 2.67 31.64 -3.57
CA ARG A 252 1.56 32.03 -4.44
C ARG A 252 0.80 30.80 -4.93
N LYS A 253 1.53 29.76 -5.36
CA LYS A 253 0.85 28.55 -5.82
C LYS A 253 0.02 27.93 -4.70
N ARG A 254 0.47 28.07 -3.44
CA ARG A 254 -0.31 27.52 -2.34
C ARG A 254 -1.53 28.39 -2.04
N TRP A 255 -1.42 29.71 -2.16
CA TRP A 255 -2.61 30.54 -2.06
C TRP A 255 -3.59 30.18 -3.18
N ALA A 256 -3.07 29.81 -4.35
CA ALA A 256 -3.96 29.39 -5.43
C ALA A 256 -4.77 28.16 -5.02
N GLN A 257 -4.10 27.17 -4.42
CA GLN A 257 -4.80 25.97 -3.97
C GLN A 257 -5.88 26.31 -2.94
N ILE A 258 -5.55 27.15 -1.96
CA ILE A 258 -6.50 27.48 -0.91
C ILE A 258 -7.76 28.10 -1.51
N ALA A 259 -7.59 28.92 -2.55
CA ALA A 259 -8.73 29.57 -3.17
C ALA A 259 -9.64 28.54 -3.86
N LYS A 260 -9.05 27.52 -4.50
CA LYS A 260 -9.84 26.47 -5.12
C LYS A 260 -10.68 25.70 -4.11
N ALA A 261 -10.29 25.73 -2.83
CA ALA A 261 -10.99 25.01 -1.79
C ALA A 261 -12.02 25.84 -1.05
N MET A 262 -12.03 27.16 -1.26
CA MET A 262 -12.97 28.02 -0.53
C MET A 262 -14.40 27.68 -0.86
N ASP A 263 -14.65 27.10 -2.03
CA ASP A 263 -16.00 26.69 -2.41
C ASP A 263 -16.37 25.34 -1.83
N ALA A 264 -15.38 24.49 -1.55
CA ALA A 264 -15.63 23.11 -1.19
C ALA A 264 -16.47 23.00 0.07
N LYS A 265 -17.48 22.13 0.02
CA LYS A 265 -18.30 21.81 1.19
C LYS A 265 -17.88 20.51 1.86
N LYS A 266 -17.47 19.52 1.09
CA LYS A 266 -17.13 18.21 1.62
C LYS A 266 -15.62 18.00 1.55
N PHE A 267 -15.06 17.47 2.63
CA PHE A 267 -13.62 17.39 2.81
C PHE A 267 -13.22 16.00 3.23
N GLY A 268 -12.12 15.52 2.64
CA GLY A 268 -11.47 14.31 3.10
C GLY A 268 -10.18 14.64 3.83
N VAL A 269 -10.04 14.17 5.07
CA VAL A 269 -8.90 14.47 5.92
C VAL A 269 -8.10 13.21 6.12
N ILE A 270 -6.93 13.13 5.49
CA ILE A 270 -6.21 11.87 5.29
C ILE A 270 -5.11 11.71 6.33
N VAL A 271 -5.05 10.52 6.94
CA VAL A 271 -3.87 10.06 7.67
C VAL A 271 -3.22 8.91 6.90
N SER A 272 -1.90 8.81 7.06
CA SER A 272 -1.14 7.65 6.65
C SER A 272 -0.68 6.88 7.88
N ILE A 273 -0.87 5.57 7.85
CA ILE A 273 -0.57 4.70 8.98
C ILE A 273 0.91 4.34 9.01
N LYS A 274 1.70 4.93 8.13
CA LYS A 274 3.14 4.77 8.26
C LYS A 274 3.53 5.25 9.65
N LYS A 275 4.31 4.42 10.37
CA LYS A 275 4.53 4.64 11.80
C LYS A 275 4.95 6.08 12.08
N GLY A 276 5.94 6.57 11.35
CA GLY A 276 6.40 7.92 11.54
C GLY A 276 5.60 8.99 10.84
N GLN A 277 4.44 8.66 10.27
CA GLN A 277 3.61 9.67 9.66
C GLN A 277 2.22 9.78 10.29
N LEU A 278 1.79 8.81 11.10
CA LEU A 278 0.42 8.79 11.58
C LEU A 278 0.17 9.98 12.50
N ARG A 279 -0.75 10.86 12.07
CA ARG A 279 -1.08 12.06 12.82
C ARG A 279 -2.56 12.07 13.20
N LEU A 280 -2.96 11.09 14.00
CA LEU A 280 -4.38 10.85 14.22
C LEU A 280 -5.03 12.00 14.96
N ALA A 281 -4.38 12.50 16.02
CA ALA A 281 -4.97 13.58 16.79
C ALA A 281 -5.04 14.86 15.97
N GLU A 282 -3.97 15.16 15.23
CA GLU A 282 -4.01 16.37 14.43
C GLU A 282 -5.02 16.24 13.29
N ALA A 283 -5.25 15.02 12.82
CA ALA A 283 -6.29 14.80 11.82
C ALA A 283 -7.67 15.05 12.40
N LYS A 284 -7.99 14.38 13.52
CA LYS A 284 -9.29 14.57 14.16
C LYS A 284 -9.55 16.04 14.44
N ARG A 285 -8.50 16.79 14.79
CA ARG A 285 -8.68 18.20 15.08
C ARG A 285 -9.17 18.95 13.85
N ILE A 286 -8.60 18.64 12.69
CA ILE A 286 -9.02 19.30 11.45
C ILE A 286 -10.45 18.91 11.08
N VAL A 287 -10.83 17.66 11.32
CA VAL A 287 -12.22 17.26 11.08
C VAL A 287 -13.15 18.05 11.99
N LYS A 288 -12.81 18.12 13.28
CA LYS A 288 -13.60 18.93 14.22
C LYS A 288 -13.62 20.39 13.80
N LEU A 289 -12.49 20.92 13.32
CA LEU A 289 -12.44 22.32 12.94
C LEU A 289 -13.31 22.59 11.72
N LEU A 290 -13.15 21.77 10.67
CA LEU A 290 -13.96 21.94 9.46
C LEU A 290 -15.45 21.89 9.78
N LYS A 291 -15.88 20.92 10.59
CA LYS A 291 -17.27 20.85 11.00
C LYS A 291 -17.68 22.08 11.78
N LYS A 292 -16.86 22.50 12.74
CA LYS A 292 -17.11 23.74 13.47
C LYS A 292 -17.13 24.98 12.58
N HIS A 293 -16.93 24.84 11.27
CA HIS A 293 -17.04 25.96 10.34
C HIS A 293 -17.89 25.58 9.14
N GLY A 294 -19.00 24.87 9.38
CA GLY A 294 -19.98 24.56 8.35
C GLY A 294 -19.69 23.35 7.50
N ARG A 295 -18.43 23.23 7.07
CA ARG A 295 -18.03 22.19 6.11
C ARG A 295 -18.25 20.79 6.68
N GLU A 296 -18.39 19.83 5.76
CA GLU A 296 -18.37 18.41 6.08
C GLU A 296 -16.95 17.91 6.00
N ALA A 297 -16.63 16.94 6.84
CA ALA A 297 -15.26 16.45 6.94
C ALA A 297 -15.28 15.00 7.35
N ARG A 298 -14.42 14.22 6.70
CA ARG A 298 -14.34 12.79 6.95
C ARG A 298 -12.88 12.39 7.05
N LEU A 299 -12.54 11.64 8.09
CA LEU A 299 -11.18 11.17 8.28
C LEU A 299 -10.93 9.92 7.44
N ILE A 300 -9.95 9.98 6.55
CA ILE A 300 -9.63 8.90 5.64
C ILE A 300 -8.30 8.29 6.06
N VAL A 301 -8.28 6.97 6.23
CA VAL A 301 -7.10 6.24 6.65
C VAL A 301 -6.48 5.55 5.45
N MET A 302 -5.17 5.73 5.26
CA MET A 302 -4.48 5.06 4.17
C MET A 302 -3.05 4.73 4.57
N ASN A 303 -2.36 4.00 3.70
CA ASN A 303 -0.94 3.80 3.86
C ASN A 303 -0.25 4.75 2.89
N ASP A 304 -0.17 4.36 1.62
N ASP A 304 -0.19 4.37 1.62
CA ASP A 304 0.35 5.27 0.60
CA ASP A 304 0.36 5.28 0.61
C ASP A 304 -0.76 6.24 0.20
C ASP A 304 -0.74 6.23 0.16
N VAL A 305 -0.44 7.53 0.25
CA VAL A 305 -1.42 8.58 -0.06
C VAL A 305 -1.29 8.96 -1.53
N ASN A 306 -2.36 8.72 -2.31
CA ASN A 306 -2.43 9.28 -3.65
C ASN A 306 -3.89 9.40 -4.09
N TYR A 307 -4.08 10.26 -5.08
CA TYR A 307 -5.42 10.63 -5.53
C TYR A 307 -6.18 9.42 -6.10
N HIS A 308 -5.54 8.59 -6.92
CA HIS A 308 -6.30 7.58 -7.66
C HIS A 308 -7.22 6.78 -6.77
N LYS A 309 -6.78 6.48 -5.54
CA LYS A 309 -7.59 5.65 -4.66
C LYS A 309 -8.83 6.39 -4.15
N LEU A 310 -8.73 7.72 -4.01
CA LEU A 310 -9.84 8.54 -3.53
C LEU A 310 -10.76 9.00 -4.63
N GLU A 311 -10.49 8.64 -5.89
CA GLU A 311 -11.16 9.24 -7.04
C GLU A 311 -12.69 9.05 -6.97
N GLY A 312 -13.15 7.89 -6.50
CA GLY A 312 -14.57 7.62 -6.44
C GLY A 312 -15.32 8.40 -5.38
N PHE A 313 -14.63 8.93 -4.37
CA PHE A 313 -15.28 9.62 -3.27
C PHE A 313 -15.88 10.96 -3.71
N PRO A 314 -16.90 11.45 -3.00
CA PRO A 314 -17.55 12.72 -3.39
C PRO A 314 -16.87 13.97 -2.89
N PHE A 315 -15.76 13.86 -2.15
CA PHE A 315 -15.17 15.02 -1.49
C PHE A 315 -14.65 15.99 -2.53
N GLU A 316 -14.90 17.28 -2.29
CA GLU A 316 -14.49 18.33 -3.21
C GLU A 316 -13.09 18.84 -2.96
N ALA A 317 -12.51 18.51 -1.81
CA ALA A 317 -11.15 18.93 -1.49
C ALA A 317 -10.61 18.02 -0.41
N TYR A 318 -9.29 17.90 -0.36
CA TYR A 318 -8.64 16.97 0.54
C TYR A 318 -7.62 17.69 1.43
N VAL A 319 -7.46 17.15 2.62
CA VAL A 319 -6.45 17.59 3.58
C VAL A 319 -5.61 16.39 3.95
N VAL A 320 -4.32 16.46 3.64
CA VAL A 320 -3.38 15.40 3.96
C VAL A 320 -2.68 15.77 5.25
N VAL A 321 -2.89 14.97 6.29
CA VAL A 321 -2.23 15.14 7.56
C VAL A 321 -1.20 14.02 7.68
N ALA A 322 -0.10 14.17 6.95
CA ALA A 322 0.95 13.16 7.00
C ALA A 322 2.26 13.77 6.56
N CYS A 323 2.99 13.06 5.71
CA CYS A 323 4.17 13.63 5.08
C CYS A 323 3.78 14.88 4.31
N PRO A 324 4.29 16.06 4.67
CA PRO A 324 3.86 17.28 3.99
C PRO A 324 4.31 17.35 2.54
N ARG A 325 5.26 16.51 2.12
CA ARG A 325 5.72 16.49 0.74
C ARG A 325 4.77 15.75 -0.19
N VAL A 326 3.61 15.32 0.30
CA VAL A 326 2.60 14.68 -0.55
C VAL A 326 1.71 15.77 -1.15
N PRO A 327 1.07 16.66 -0.36
CA PRO A 327 0.33 17.76 -1.00
C PRO A 327 1.20 18.91 -1.52
N LEU A 328 2.42 19.10 -0.99
CA LEU A 328 3.26 20.22 -1.42
C LEU A 328 4.09 19.89 -2.66
N ASP A 329 4.46 18.62 -2.86
CA ASP A 329 5.31 18.17 -3.95
C ASP A 329 4.52 17.41 -5.01
N ASP A 330 3.26 17.81 -5.23
CA ASP A 330 2.36 17.14 -6.15
C ASP A 330 2.54 17.73 -7.55
N TYR A 331 3.06 16.93 -8.47
CA TYR A 331 3.22 17.35 -9.86
C TYR A 331 1.89 17.51 -10.59
N GLY A 332 0.77 17.16 -9.97
CA GLY A 332 -0.51 17.32 -10.61
C GLY A 332 -1.33 16.05 -10.71
N ALA A 333 -0.92 15.02 -9.97
CA ALA A 333 -1.73 13.81 -9.88
C ALA A 333 -3.04 14.07 -9.15
N TRP A 334 -3.06 15.02 -8.21
CA TRP A 334 -4.28 15.39 -7.51
C TRP A 334 -5.10 16.32 -8.39
N ARG A 335 -6.25 15.83 -8.85
CA ARG A 335 -7.16 16.59 -9.68
C ARG A 335 -8.15 17.41 -8.88
N LYS A 336 -8.21 17.21 -7.57
CA LYS A 336 -8.96 18.04 -6.65
C LYS A 336 -7.99 18.80 -5.74
N PRO A 337 -8.41 19.92 -5.16
CA PRO A 337 -7.50 20.69 -4.29
C PRO A 337 -7.11 19.87 -3.06
N VAL A 338 -5.82 19.85 -2.77
CA VAL A 338 -5.30 19.10 -1.63
C VAL A 338 -4.46 20.04 -0.77
N LEU A 339 -4.71 20.04 0.54
CA LEU A 339 -4.13 21.03 1.44
C LEU A 339 -3.40 20.37 2.60
N THR A 340 -2.48 21.14 3.19
CA THR A 340 -1.86 20.82 4.46
C THR A 340 -2.73 21.34 5.60
N PRO A 341 -2.53 20.82 6.83
CA PRO A 341 -3.29 21.34 7.98
C PRO A 341 -3.21 22.85 8.15
N LYS A 342 -2.01 23.41 8.02
CA LYS A 342 -1.83 24.84 8.21
C LYS A 342 -2.63 25.66 7.20
N GLU A 343 -2.65 25.20 5.94
CA GLU A 343 -3.40 25.90 4.91
C GLU A 343 -4.91 25.82 5.16
N VAL A 344 -5.36 24.76 5.83
CA VAL A 344 -6.76 24.66 6.22
C VAL A 344 -7.13 25.79 7.16
N GLU A 345 -6.31 26.00 8.20
CA GLU A 345 -6.58 27.09 9.13
C GLU A 345 -6.61 28.44 8.42
N ILE A 346 -5.83 28.58 7.35
CA ILE A 346 -5.93 29.80 6.55
C ILE A 346 -7.28 29.87 5.85
N LEU A 347 -7.75 28.73 5.31
CA LEU A 347 -9.01 28.71 4.57
C LEU A 347 -10.20 28.99 5.50
N LEU A 348 -10.22 28.37 6.68
CA LEU A 348 -11.29 28.68 7.62
C LEU A 348 -11.16 30.07 8.22
N GLY A 349 -10.10 30.81 7.88
CA GLY A 349 -9.90 32.14 8.41
C GLY A 349 -9.38 32.17 9.84
N LEU A 350 -8.40 31.34 10.16
CA LEU A 350 -7.86 31.23 11.51
C LEU A 350 -6.38 31.52 11.57
N ARG A 351 -5.75 31.83 10.43
CA ARG A 351 -4.32 32.08 10.35
C ARG A 351 -4.09 33.17 9.31
N GLU A 352 -3.22 34.13 9.64
CA GLU A 352 -2.96 35.22 8.73
C GLU A 352 -1.88 34.85 7.70
N GLU A 353 -0.71 34.44 8.17
CA GLU A 353 0.46 34.23 7.33
C GLU A 353 0.67 32.75 7.05
N TYR A 354 1.19 32.44 5.87
CA TYR A 354 1.42 31.06 5.50
C TYR A 354 2.49 30.44 6.40
N GLU A 355 2.26 29.21 6.82
CA GLU A 355 3.17 28.49 7.68
C GLU A 355 3.41 27.09 7.13
N PHE A 356 4.67 26.66 7.14
CA PHE A 356 5.01 25.35 6.62
C PHE A 356 4.56 24.26 7.59
N ASP A 357 3.95 23.22 7.04
CA ASP A 357 3.48 22.09 7.82
C ASP A 357 4.66 21.18 8.09
N GLU A 358 5.11 21.14 9.34
CA GLU A 358 6.24 20.30 9.71
C GLU A 358 5.76 19.17 10.61
N ILE A 359 6.51 18.08 10.60
CA ILE A 359 6.32 16.99 11.53
C ILE A 359 7.47 17.09 12.53
N LEU A 360 7.15 17.51 13.75
CA LEU A 360 8.16 17.80 14.75
C LEU A 360 8.25 16.67 15.75
N GLY A 361 9.49 16.33 16.14
CA GLY A 361 9.70 15.37 17.20
C GLY A 361 9.99 16.04 18.54
N GLY A 362 10.25 15.20 19.54
CA GLY A 362 10.66 15.66 20.84
C GLY A 362 12.16 15.87 20.91
N PRO A 363 12.67 16.22 22.10
CA PRO A 363 14.11 16.44 22.24
C PRO A 363 14.90 15.16 21.97
N ARG A 364 16.02 15.30 21.28
CA ARG A 364 16.89 14.16 20.98
C ARG A 364 18.06 14.17 21.94
N GLU A 365 18.17 13.12 22.76
CA GLU A 365 19.18 13.12 23.81
C GLU A 365 20.56 12.79 23.27
N SER A 366 20.65 12.02 22.18
CA SER A 366 21.92 11.65 21.58
C SER A 366 21.88 11.86 20.07
N ASP A 367 23.00 11.56 19.41
CA ASP A 367 23.14 11.65 17.97
C ASP A 367 23.41 10.25 17.42
N GLU A 368 22.90 10.02 16.21
CA GLU A 368 23.14 8.78 15.49
C GLU A 368 24.58 8.71 14.98
N PRO A 369 25.16 7.51 14.91
CA PRO A 369 26.49 7.37 14.33
C PRO A 369 26.53 7.75 12.87
N PHE A 370 27.76 8.01 12.39
CA PHE A 370 28.04 8.13 10.97
C PHE A 370 28.48 6.75 10.48
N GLY A 371 27.50 5.95 10.13
CA GLY A 371 27.69 4.52 9.92
C GLY A 371 26.39 3.80 10.22
N ILE A 372 26.48 2.49 10.39
CA ILE A 372 25.26 1.74 10.64
C ILE A 372 24.85 1.94 12.09
N SER A 373 23.54 1.91 12.35
CA SER A 373 23.04 1.91 13.72
C SER A 373 22.12 0.72 13.87
N ILE A 374 21.96 0.25 15.11
CA ILE A 374 21.05 -0.83 15.43
C ILE A 374 20.17 -0.38 16.60
N HIS A 375 18.84 -0.48 16.42
CA HIS A 375 17.86 -0.03 17.40
C HIS A 375 16.85 -1.14 17.67
N SER A 376 16.54 -1.33 18.96
CA SER A 376 15.39 -2.11 19.38
C SER A 376 14.72 -1.39 20.54
N THR A 377 13.40 -1.50 20.61
CA THR A 377 12.62 -0.79 21.63
C THR A 377 11.74 -1.75 22.41
N MET B 37 -26.95 -1.15 -11.10
CA MET B 37 -27.59 -0.75 -9.85
C MET B 37 -27.68 -1.94 -8.90
N LEU B 38 -27.52 -1.67 -7.62
CA LEU B 38 -27.55 -2.73 -6.62
C LEU B 38 -28.78 -2.54 -5.74
N HIS B 39 -28.99 -3.52 -4.86
CA HIS B 39 -29.89 -3.30 -3.75
C HIS B 39 -29.26 -2.29 -2.78
N GLU B 40 -30.08 -1.43 -2.20
CA GLU B 40 -29.60 -0.35 -1.33
C GLU B 40 -28.92 -0.92 -0.10
N ILE B 41 -27.97 -0.16 0.45
CA ILE B 41 -27.29 -0.60 1.68
C ILE B 41 -28.31 -0.67 2.82
N PRO B 42 -28.34 -1.77 3.61
CA PRO B 42 -29.20 -1.86 4.80
C PRO B 42 -28.64 -1.09 5.98
N LYS B 43 -28.73 0.25 5.87
CA LYS B 43 -28.14 1.15 6.85
C LYS B 43 -28.66 0.86 8.26
N SER B 44 -29.96 0.60 8.38
CA SER B 44 -30.57 0.44 9.71
C SER B 44 -30.04 -0.81 10.41
N GLU B 45 -30.05 -1.94 9.71
CA GLU B 45 -29.63 -3.19 10.30
C GLU B 45 -28.16 -3.15 10.72
N ILE B 46 -27.33 -2.43 9.96
CA ILE B 46 -25.91 -2.29 10.32
C ILE B 46 -25.77 -1.56 11.64
N LEU B 47 -26.53 -0.47 11.80
CA LEU B 47 -26.45 0.31 13.02
C LEU B 47 -27.00 -0.48 14.20
N LYS B 48 -28.10 -1.21 13.98
CA LYS B 48 -28.64 -2.07 15.02
C LYS B 48 -27.55 -3.03 15.52
N GLU B 49 -26.79 -3.61 14.59
CA GLU B 49 -25.67 -4.46 14.99
C GLU B 49 -24.58 -3.66 15.69
N LEU B 50 -24.22 -2.49 15.13
CA LEU B 50 -23.19 -1.67 15.74
C LEU B 50 -23.61 -1.22 17.14
N LYS B 51 -24.88 -0.84 17.30
CA LYS B 51 -25.36 -0.46 18.62
C LYS B 51 -25.36 -1.65 19.57
N ARG B 52 -25.61 -2.87 19.06
CA ARG B 52 -25.62 -4.05 19.92
C ARG B 52 -24.27 -4.27 20.60
N ILE B 53 -23.18 -4.02 19.87
CA ILE B 53 -21.84 -4.21 20.40
C ILE B 53 -21.32 -2.90 20.97
N GLY B 54 -22.20 -1.89 21.04
CA GLY B 54 -21.85 -0.59 21.58
C GLY B 54 -20.57 0.00 21.02
N ALA B 55 -20.32 -0.21 19.74
CA ALA B 55 -19.13 0.32 19.10
C ALA B 55 -19.24 1.83 18.94
N LYS B 56 -18.14 2.52 19.25
CA LYS B 56 -18.11 3.98 19.16
C LYS B 56 -17.36 4.50 17.93
N ARG B 57 -16.35 3.79 17.43
CA ARG B 57 -15.56 4.22 16.28
C ARG B 57 -15.45 3.07 15.30
N VAL B 58 -15.78 3.31 14.04
CA VAL B 58 -15.78 2.25 13.03
C VAL B 58 -15.01 2.71 11.80
N LEU B 59 -14.27 1.78 11.20
CA LEU B 59 -13.63 1.98 9.92
C LEU B 59 -14.44 1.23 8.85
N ILE B 60 -14.65 1.88 7.72
CA ILE B 60 -15.46 1.32 6.63
C ILE B 60 -14.58 1.19 5.40
N GLN B 61 -14.36 -0.04 4.95
CA GLN B 61 -13.68 -0.23 3.69
C GLN B 61 -14.70 -0.56 2.61
N SER B 62 -14.29 -0.35 1.37
CA SER B 62 -15.23 -0.47 0.28
C SER B 62 -14.47 -0.69 -1.00
N PRO B 63 -15.07 -1.40 -1.98
CA PRO B 63 -14.42 -1.57 -3.29
C PRO B 63 -14.71 -0.38 -4.19
N GLU B 64 -14.21 -0.44 -5.43
CA GLU B 64 -14.24 0.72 -6.31
C GLU B 64 -15.68 1.14 -6.64
N GLY B 65 -16.59 0.18 -6.77
CA GLY B 65 -17.95 0.56 -7.11
C GLY B 65 -18.77 1.12 -5.98
N LEU B 66 -18.26 1.11 -4.74
CA LEU B 66 -19.09 1.49 -3.61
C LEU B 66 -18.51 2.67 -2.85
N ARG B 67 -17.75 3.53 -3.54
CA ARG B 67 -17.13 4.65 -2.84
C ARG B 67 -18.16 5.67 -2.40
N ARG B 68 -19.12 5.98 -3.28
CA ARG B 68 -20.16 6.93 -2.89
C ARG B 68 -21.03 6.34 -1.79
N GLU B 69 -21.28 5.03 -1.83
CA GLU B 69 -22.09 4.38 -0.81
C GLU B 69 -21.38 4.37 0.55
N ALA B 70 -20.05 4.19 0.56
CA ALA B 70 -19.31 4.18 1.82
C ALA B 70 -19.49 5.48 2.58
N GLU B 71 -19.25 6.62 1.91
CA GLU B 71 -19.44 7.90 2.57
C GLU B 71 -20.91 8.11 2.94
N GLU B 72 -21.82 7.66 2.08
CA GLU B 72 -23.24 7.75 2.37
C GLU B 72 -23.59 7.06 3.68
N LEU B 73 -22.99 5.89 3.93
CA LEU B 73 -23.23 5.17 5.17
C LEU B 73 -22.54 5.83 6.35
N ALA B 74 -21.32 6.35 6.14
CA ALA B 74 -20.60 7.05 7.20
C ALA B 74 -21.40 8.23 7.71
N GLY B 75 -21.99 9.00 6.81
CA GLY B 75 -22.86 10.08 7.22
C GLY B 75 -24.03 9.61 8.07
N PHE B 76 -24.56 8.43 7.77
CA PHE B 76 -25.69 7.92 8.55
C PHE B 76 -25.24 7.42 9.92
N LEU B 77 -24.07 6.79 9.99
CA LEU B 77 -23.58 6.30 11.26
C LEU B 77 -23.13 7.44 12.18
N GLU B 78 -22.59 8.52 11.60
CA GLU B 78 -22.24 9.69 12.40
C GLU B 78 -23.49 10.38 12.92
N GLU B 79 -24.56 10.39 12.11
CA GLU B 79 -25.83 10.98 12.54
C GLU B 79 -26.46 10.22 13.70
N ASN B 80 -26.00 9.01 14.00
CA ASN B 80 -26.49 8.23 15.13
C ASN B 80 -25.39 8.06 16.17
N ASN B 81 -24.60 9.12 16.38
CA ASN B 81 -23.63 9.21 17.46
C ASN B 81 -22.62 8.06 17.40
N ILE B 82 -21.95 7.95 16.26
CA ILE B 82 -20.84 7.01 16.07
C ILE B 82 -19.82 7.64 15.13
N GLU B 83 -18.55 7.68 15.54
CA GLU B 83 -17.49 8.22 14.69
C GLU B 83 -17.11 7.22 13.59
N VAL B 84 -16.92 7.72 12.37
CA VAL B 84 -16.57 6.87 11.25
C VAL B 84 -15.32 7.38 10.55
N PHE B 85 -14.35 6.48 10.35
CA PHE B 85 -13.23 6.67 9.43
C PHE B 85 -13.50 5.82 8.18
N LEU B 86 -13.22 6.37 7.01
CA LEU B 86 -13.24 5.61 5.77
C LEU B 86 -11.83 5.10 5.46
N HIS B 87 -11.76 3.83 5.07
CA HIS B 87 -10.49 3.29 4.59
C HIS B 87 -10.23 3.82 3.19
N GLY B 88 -9.12 4.52 3.01
CA GLY B 88 -8.83 5.11 1.72
C GLY B 88 -8.32 4.14 0.69
N GLU B 89 -7.94 2.94 1.10
CA GLU B 89 -7.51 1.95 0.13
C GLU B 89 -8.71 1.50 -0.70
N ILE B 90 -8.44 1.04 -1.92
CA ILE B 90 -9.48 0.40 -2.72
C ILE B 90 -9.45 -1.09 -2.42
N ASN B 91 -10.52 -1.59 -1.82
CA ASN B 91 -10.57 -2.98 -1.42
C ASN B 91 -10.94 -3.89 -2.60
N TYR B 92 -10.36 -5.08 -2.61
CA TYR B 92 -10.60 -6.05 -3.68
C TYR B 92 -11.22 -7.35 -3.21
N GLY B 93 -11.44 -7.54 -1.91
CA GLY B 93 -11.98 -8.82 -1.49
C GLY B 93 -11.97 -9.03 0.01
N ALA B 94 -12.88 -9.90 0.49
CA ALA B 94 -12.90 -10.31 1.89
C ALA B 94 -11.62 -10.99 2.33
N CYS B 95 -10.74 -11.36 1.38
CA CYS B 95 -9.39 -11.82 1.68
C CYS B 95 -8.53 -10.73 2.28
N ASP B 96 -8.94 -9.47 2.17
CA ASP B 96 -8.17 -8.35 2.71
C ASP B 96 -9.02 -7.52 3.68
N PRO B 97 -9.40 -8.10 4.82
CA PRO B 97 -10.06 -7.28 5.84
C PRO B 97 -9.09 -6.22 6.35
N ALA B 98 -9.60 -5.02 6.58
CA ALA B 98 -8.76 -3.94 7.13
C ALA B 98 -8.84 -3.92 8.65
N ASP B 99 -8.87 -5.10 9.28
CA ASP B 99 -9.06 -5.15 10.71
C ASP B 99 -7.83 -4.62 11.46
N ARG B 100 -6.62 -5.01 11.02
CA ARG B 100 -5.39 -4.48 11.64
C ARG B 100 -5.39 -2.96 11.59
N GLU B 101 -5.60 -2.40 10.40
CA GLU B 101 -5.70 -0.95 10.28
C GLU B 101 -6.71 -0.38 11.25
N ALA B 102 -7.88 -1.01 11.36
CA ALA B 102 -8.89 -0.53 12.30
C ALA B 102 -8.34 -0.49 13.73
N LYS B 103 -7.56 -1.50 14.11
CA LYS B 103 -6.95 -1.54 15.43
C LYS B 103 -5.98 -0.39 15.64
N LEU B 104 -5.12 -0.12 14.64
CA LEU B 104 -4.05 0.87 14.73
C LEU B 104 -4.57 2.29 14.86
N VAL B 105 -5.78 2.57 14.37
CA VAL B 105 -6.39 3.88 14.53
C VAL B 105 -7.50 3.86 15.57
N GLY B 106 -7.55 2.80 16.37
CA GLY B 106 -8.45 2.70 17.51
C GLY B 106 -9.93 2.64 17.21
N CYS B 107 -10.33 1.91 16.18
CA CYS B 107 -11.75 1.70 15.90
C CYS B 107 -12.27 0.48 16.65
N ASP B 108 -13.52 0.55 17.10
CA ASP B 108 -14.12 -0.57 17.83
C ASP B 108 -14.40 -1.74 16.88
N ALA B 109 -15.06 -1.47 15.76
CA ALA B 109 -15.48 -2.49 14.80
C ALA B 109 -15.03 -2.11 13.40
N LEU B 110 -15.20 -3.04 12.46
CA LEU B 110 -14.87 -2.81 11.06
C LEU B 110 -16.07 -3.16 10.19
N ILE B 111 -16.46 -2.24 9.32
CA ILE B 111 -17.49 -2.48 8.33
C ILE B 111 -16.83 -2.72 7.00
N HIS B 112 -17.07 -3.90 6.41
CA HIS B 112 -16.46 -4.31 5.16
C HIS B 112 -17.57 -4.36 4.11
N LEU B 113 -17.53 -3.42 3.16
CA LEU B 113 -18.61 -3.27 2.18
C LEU B 113 -18.37 -4.13 0.96
N GLY B 114 -19.45 -4.77 0.50
CA GLY B 114 -19.46 -5.34 -0.83
C GLY B 114 -18.93 -6.75 -0.97
N HIS B 115 -18.49 -7.38 0.12
CA HIS B 115 -18.08 -8.78 0.04
C HIS B 115 -18.64 -9.52 1.23
N SER B 116 -18.72 -10.82 1.07
CA SER B 116 -19.20 -11.75 2.09
C SER B 116 -18.00 -12.36 2.78
N TYR B 117 -18.21 -12.75 4.02
CA TYR B 117 -17.13 -13.28 4.84
C TYR B 117 -16.57 -14.58 4.29
N MET B 118 -15.24 -14.65 4.19
CA MET B 118 -14.49 -15.89 4.06
C MET B 118 -13.67 -16.07 5.33
N LYS B 119 -13.39 -17.34 5.68
CA LYS B 119 -12.85 -17.68 6.99
C LYS B 119 -11.50 -17.02 7.25
N LEU B 120 -11.43 -16.18 8.27
CA LEU B 120 -10.23 -15.41 8.61
C LEU B 120 -10.26 -15.07 10.08
N PRO B 121 -9.10 -14.97 10.73
CA PRO B 121 -9.04 -14.30 12.04
C PRO B 121 -9.29 -12.81 11.88
N LEU B 122 -10.11 -12.24 12.77
CA LEU B 122 -10.44 -10.82 12.71
C LEU B 122 -10.12 -10.20 14.06
N GLU B 123 -9.25 -9.20 14.06
CA GLU B 123 -8.84 -8.59 15.31
C GLU B 123 -9.89 -7.65 15.88
N VAL B 124 -10.88 -7.24 15.09
CA VAL B 124 -12.01 -6.48 15.61
C VAL B 124 -13.28 -7.12 15.11
N PRO B 125 -14.41 -6.90 15.78
CA PRO B 125 -15.69 -7.33 15.21
C PRO B 125 -15.90 -6.69 13.85
N THR B 126 -16.30 -7.50 12.86
CA THR B 126 -16.44 -7.05 11.49
C THR B 126 -17.83 -7.37 10.94
N ILE B 127 -18.50 -6.36 10.40
CA ILE B 127 -19.79 -6.52 9.74
C ILE B 127 -19.56 -6.59 8.23
N PHE B 128 -19.89 -7.73 7.63
CA PHE B 128 -19.77 -7.89 6.20
C PHE B 128 -21.10 -7.53 5.54
N VAL B 129 -21.04 -6.75 4.46
CA VAL B 129 -22.24 -6.24 3.80
C VAL B 129 -22.23 -6.61 2.32
N PRO B 130 -22.64 -7.82 1.96
CA PRO B 130 -22.60 -8.26 0.55
C PRO B 130 -23.43 -7.36 -0.36
N ALA B 131 -22.94 -7.20 -1.59
CA ALA B 131 -23.63 -6.46 -2.63
C ALA B 131 -24.43 -7.43 -3.50
N PHE B 132 -25.70 -7.14 -3.71
CA PHE B 132 -26.54 -7.98 -4.55
C PHE B 132 -27.05 -7.18 -5.74
N ALA B 133 -26.70 -7.63 -6.94
CA ALA B 133 -27.23 -7.05 -8.15
C ALA B 133 -28.72 -7.34 -8.27
N ARG B 134 -29.48 -6.36 -8.74
CA ARG B 134 -30.91 -6.55 -8.89
C ARG B 134 -31.30 -7.19 -10.23
N VAL B 135 -30.37 -7.36 -11.16
CA VAL B 135 -30.74 -7.83 -12.50
C VAL B 135 -31.26 -9.26 -12.44
N SER B 136 -32.26 -9.55 -13.28
CA SER B 136 -32.89 -10.86 -13.32
C SER B 136 -32.06 -11.85 -14.14
N VAL B 137 -31.46 -12.83 -13.45
CA VAL B 137 -30.71 -13.84 -14.17
C VAL B 137 -31.62 -14.82 -14.90
N VAL B 138 -32.84 -15.04 -14.41
CA VAL B 138 -33.77 -15.94 -15.10
C VAL B 138 -34.16 -15.37 -16.45
N GLU B 139 -34.38 -14.06 -16.53
CA GLU B 139 -34.56 -13.44 -17.84
C GLU B 139 -33.37 -13.73 -18.76
N ALA B 140 -32.16 -13.64 -18.23
CA ALA B 140 -31.00 -13.94 -19.05
C ALA B 140 -30.96 -15.42 -19.45
N LEU B 141 -31.41 -16.31 -18.56
CA LEU B 141 -31.41 -17.73 -18.90
C LEU B 141 -32.47 -18.03 -19.95
N LYS B 142 -33.67 -17.43 -19.83
CA LYS B 142 -34.78 -17.72 -20.74
C LYS B 142 -34.48 -17.32 -22.18
N GLU B 143 -33.56 -16.37 -22.37
CA GLU B 143 -33.10 -15.89 -23.65
C GLU B 143 -32.15 -16.85 -24.34
N ASN B 144 -31.61 -17.82 -23.60
CA ASN B 144 -30.50 -18.66 -24.04
C ASN B 144 -30.75 -20.13 -23.71
N ILE B 145 -32.01 -20.51 -23.47
CA ILE B 145 -32.37 -21.91 -23.22
C ILE B 145 -31.67 -22.83 -24.22
N GLY B 146 -31.79 -22.50 -25.51
CA GLY B 146 -31.17 -23.32 -26.54
C GLY B 146 -29.70 -23.62 -26.28
N GLU B 147 -28.92 -22.57 -26.00
CA GLU B 147 -27.49 -22.75 -25.73
C GLU B 147 -27.25 -23.62 -24.49
N ILE B 148 -28.07 -23.45 -23.45
CA ILE B 148 -27.86 -24.19 -22.21
C ILE B 148 -28.06 -25.69 -22.41
N LYS B 149 -29.08 -26.08 -23.20
CA LYS B 149 -29.29 -27.49 -23.49
C LYS B 149 -28.05 -28.14 -24.10
N LYS B 150 -27.27 -27.39 -24.89
CA LYS B 150 -26.05 -27.96 -25.46
C LYS B 150 -25.09 -28.44 -24.37
N LEU B 151 -25.15 -27.84 -23.18
CA LEU B 151 -24.27 -28.25 -22.08
C LEU B 151 -24.56 -29.66 -21.62
N GLY B 152 -25.83 -30.05 -21.62
CA GLY B 152 -26.22 -31.37 -21.17
C GLY B 152 -27.45 -31.31 -20.30
N ARG B 153 -27.87 -32.49 -19.83
CA ARG B 153 -29.00 -32.58 -18.93
C ARG B 153 -28.58 -32.24 -17.50
N LYS B 154 -27.71 -33.05 -16.91
CA LYS B 154 -27.17 -32.78 -15.59
C LYS B 154 -26.07 -31.75 -15.73
N ILE B 155 -26.30 -30.53 -15.24
CA ILE B 155 -25.39 -29.41 -15.41
C ILE B 155 -25.01 -28.84 -14.05
N ILE B 156 -23.77 -28.36 -13.95
CA ILE B 156 -23.24 -27.67 -12.77
C ILE B 156 -23.48 -26.18 -12.96
N VAL B 157 -24.03 -25.52 -11.94
CA VAL B 157 -24.36 -24.10 -12.04
C VAL B 157 -23.53 -23.32 -11.03
N THR B 158 -22.97 -22.19 -11.46
CA THR B 158 -22.10 -21.36 -10.62
C THR B 158 -22.38 -19.89 -10.92
N THR B 159 -22.21 -19.05 -9.91
CA THR B 159 -22.36 -17.62 -10.10
C THR B 159 -21.43 -16.88 -9.15
N THR B 160 -21.39 -15.55 -9.28
CA THR B 160 -20.61 -14.71 -8.36
C THR B 160 -21.53 -14.12 -7.29
N ALA B 161 -20.90 -13.51 -6.28
CA ALA B 161 -21.64 -13.01 -5.12
C ALA B 161 -22.77 -12.06 -5.50
N GLN B 162 -22.61 -11.25 -6.56
CA GLN B 162 -23.65 -10.27 -6.91
C GLN B 162 -24.95 -10.93 -7.37
N HIS B 163 -24.92 -12.20 -7.70
CA HIS B 163 -26.09 -12.91 -8.20
C HIS B 163 -26.46 -14.11 -7.33
N ILE B 164 -25.85 -14.26 -6.15
CA ILE B 164 -26.02 -15.48 -5.38
C ILE B 164 -27.43 -15.57 -4.81
N HIS B 165 -28.06 -14.44 -4.51
CA HIS B 165 -29.41 -14.44 -3.95
C HIS B 165 -30.46 -14.89 -4.97
N GLN B 166 -30.10 -14.99 -6.25
CA GLN B 166 -31.00 -15.45 -7.29
C GLN B 166 -30.63 -16.84 -7.79
N LEU B 167 -29.76 -17.55 -7.07
CA LEU B 167 -29.35 -18.88 -7.51
C LEU B 167 -30.45 -19.92 -7.28
N LYS B 168 -31.24 -19.75 -6.22
CA LYS B 168 -32.39 -20.59 -6.00
C LYS B 168 -33.36 -20.50 -7.19
N GLU B 169 -33.71 -19.27 -7.59
CA GLU B 169 -34.53 -19.06 -8.78
C GLU B 169 -33.96 -19.78 -9.98
N ALA B 170 -32.70 -19.51 -10.31
CA ALA B 170 -32.12 -20.09 -11.53
C ALA B 170 -32.18 -21.61 -11.49
N LYS B 171 -31.88 -22.22 -10.33
CA LYS B 171 -32.01 -23.66 -10.21
C LYS B 171 -33.44 -24.12 -10.53
N GLU B 172 -34.44 -23.42 -9.97
CA GLU B 172 -35.82 -23.82 -10.21
C GLU B 172 -36.19 -23.63 -11.67
N PHE B 173 -35.72 -22.55 -12.30
CA PHE B 173 -36.02 -22.36 -13.70
C PHE B 173 -35.42 -23.48 -14.55
N LEU B 174 -34.15 -23.79 -14.32
CA LEU B 174 -33.47 -24.83 -15.08
C LEU B 174 -34.11 -26.19 -14.84
N GLU B 175 -34.46 -26.52 -13.59
CA GLU B 175 -35.10 -27.81 -13.36
C GLU B 175 -36.44 -27.89 -14.08
N SER B 176 -37.13 -26.77 -14.21
CA SER B 176 -38.40 -26.75 -14.94
C SER B 176 -38.19 -26.86 -16.45
N GLU B 177 -36.94 -26.77 -16.91
CA GLU B 177 -36.54 -26.98 -18.28
C GLU B 177 -35.88 -28.34 -18.50
N GLY B 178 -36.04 -29.27 -17.55
CA GLY B 178 -35.55 -30.62 -17.71
C GLY B 178 -34.14 -30.87 -17.22
N PHE B 179 -33.47 -29.86 -16.63
CA PHE B 179 -32.09 -30.03 -16.17
C PHE B 179 -32.03 -30.61 -14.77
N GLU B 180 -31.01 -31.43 -14.54
CA GLU B 180 -30.60 -31.80 -13.19
C GLU B 180 -29.54 -30.78 -12.77
N VAL B 181 -29.86 -29.96 -11.79
CA VAL B 181 -28.96 -28.87 -11.39
C VAL B 181 -28.11 -29.33 -10.21
N SER B 182 -26.80 -29.35 -10.41
CA SER B 182 -25.84 -29.76 -9.39
C SER B 182 -25.12 -28.51 -8.91
N ILE B 183 -25.23 -28.22 -7.62
CA ILE B 183 -24.56 -27.07 -7.03
C ILE B 183 -23.64 -27.55 -5.91
N GLY B 184 -22.38 -27.12 -5.96
CA GLY B 184 -21.41 -27.49 -4.93
C GLY B 184 -21.39 -26.54 -3.74
N ARG B 185 -21.16 -27.10 -2.55
CA ARG B 185 -21.04 -26.27 -1.35
C ARG B 185 -19.77 -25.43 -1.36
N GLY B 186 -18.67 -25.96 -1.87
CA GLY B 186 -17.40 -25.24 -1.80
C GLY B 186 -16.80 -25.24 -0.41
N ASP B 187 -15.66 -24.56 -0.26
CA ASP B 187 -14.91 -24.69 0.99
C ASP B 187 -14.91 -23.38 1.80
N SER B 188 -13.99 -23.27 2.76
CA SER B 188 -14.08 -22.18 3.73
C SER B 188 -13.73 -20.83 3.11
N ARG B 189 -13.13 -20.80 1.91
CA ARG B 189 -12.99 -19.54 1.17
C ARG B 189 -14.33 -19.01 0.71
N ILE B 190 -15.30 -19.88 0.56
CA ILE B 190 -16.56 -19.57 -0.10
C ILE B 190 -17.62 -19.33 0.96
N SER B 191 -18.55 -18.41 0.67
CA SER B 191 -19.58 -18.01 1.62
C SER B 191 -20.92 -18.69 1.40
N TRP B 192 -21.22 -19.16 0.17
CA TRP B 192 -22.50 -19.80 -0.22
C TRP B 192 -22.26 -20.88 -1.25
N PRO B 193 -23.02 -21.98 -1.21
CA PRO B 193 -22.94 -22.97 -2.28
C PRO B 193 -23.15 -22.30 -3.64
N GLY B 194 -22.34 -22.72 -4.62
CA GLY B 194 -22.42 -22.20 -5.97
C GLY B 194 -21.69 -20.89 -6.21
N GLN B 195 -21.11 -20.29 -5.18
CA GLN B 195 -20.35 -19.06 -5.34
C GLN B 195 -18.94 -19.40 -5.84
N VAL B 196 -18.48 -18.67 -6.86
CA VAL B 196 -17.10 -18.76 -7.25
C VAL B 196 -16.38 -17.46 -6.88
N LEU B 197 -15.07 -17.57 -6.73
CA LEU B 197 -14.19 -16.43 -6.60
C LEU B 197 -13.12 -16.53 -7.68
N GLY B 198 -12.42 -15.42 -7.94
CA GLY B 198 -11.33 -15.50 -8.90
C GLY B 198 -10.25 -16.47 -8.48
N CYS B 199 -10.16 -16.78 -7.19
CA CYS B 199 -9.13 -17.64 -6.61
C CYS B 199 -9.63 -19.03 -6.23
N ASN B 200 -10.92 -19.33 -6.39
CA ASN B 200 -11.46 -20.58 -5.86
C ASN B 200 -12.70 -21.05 -6.63
N TYR B 201 -12.64 -22.31 -7.08
CA TYR B 201 -13.73 -22.91 -7.85
C TYR B 201 -14.20 -24.22 -7.21
N SER B 202 -14.05 -24.32 -5.89
CA SER B 202 -14.41 -25.55 -5.19
C SER B 202 -15.89 -25.91 -5.36
N VAL B 203 -16.77 -24.91 -5.55
CA VAL B 203 -18.18 -25.23 -5.75
C VAL B 203 -18.41 -25.98 -7.05
N ALA B 204 -17.52 -25.85 -8.03
CA ALA B 204 -17.65 -26.53 -9.30
C ALA B 204 -17.01 -27.91 -9.31
N LYS B 205 -16.36 -28.31 -8.22
CA LYS B 205 -15.82 -29.66 -8.16
C LYS B 205 -16.90 -30.60 -7.60
N VAL B 206 -17.94 -30.80 -8.43
CA VAL B 206 -19.01 -31.77 -8.17
C VAL B 206 -19.32 -32.50 -9.47
N ARG B 207 -20.13 -33.55 -9.36
CA ARG B 207 -20.52 -34.32 -10.53
C ARG B 207 -21.40 -33.49 -11.47
N GLY B 208 -21.15 -33.64 -12.79
CA GLY B 208 -21.92 -32.93 -13.80
C GLY B 208 -21.35 -33.02 -15.20
N GLU B 209 -22.19 -32.74 -16.22
CA GLU B 209 -21.80 -32.89 -17.62
C GLU B 209 -21.16 -31.64 -18.22
N GLY B 210 -21.50 -30.48 -17.69
CA GLY B 210 -21.00 -29.22 -18.19
C GLY B 210 -21.24 -28.20 -17.11
N ILE B 211 -20.59 -27.05 -17.24
CA ILE B 211 -20.70 -25.99 -16.24
C ILE B 211 -21.39 -24.80 -16.87
N LEU B 212 -22.43 -24.30 -16.21
CA LEU B 212 -22.99 -22.99 -16.51
C LEU B 212 -22.46 -21.95 -15.52
N PHE B 213 -21.94 -20.85 -16.04
CA PHE B 213 -21.52 -19.72 -15.22
C PHE B 213 -22.45 -18.54 -15.46
N ILE B 214 -22.95 -17.97 -14.37
CA ILE B 214 -23.89 -16.85 -14.44
C ILE B 214 -23.15 -15.62 -13.91
N GLY B 215 -22.64 -14.79 -14.82
CA GLY B 215 -22.03 -13.54 -14.45
C GLY B 215 -21.36 -12.88 -15.64
N SER B 216 -20.71 -11.77 -15.36
CA SER B 216 -19.99 -10.98 -16.36
C SER B 216 -18.50 -11.34 -16.37
N GLY B 217 -17.85 -10.98 -17.48
CA GLY B 217 -16.42 -11.21 -17.65
C GLY B 217 -16.10 -12.62 -18.10
N ILE B 218 -14.82 -12.85 -18.41
CA ILE B 218 -14.38 -14.16 -18.88
C ILE B 218 -13.37 -14.80 -17.96
N PHE B 219 -12.91 -14.13 -16.90
CA PHE B 219 -11.91 -14.74 -16.04
C PHE B 219 -12.49 -15.91 -15.26
N HIS B 220 -13.59 -15.69 -14.54
CA HIS B 220 -14.26 -16.80 -13.87
C HIS B 220 -14.57 -17.94 -14.81
N PRO B 221 -15.27 -17.74 -15.96
CA PRO B 221 -15.52 -18.88 -16.86
C PRO B 221 -14.25 -19.56 -17.33
N LEU B 222 -13.21 -18.77 -17.68
CA LEU B 222 -11.92 -19.35 -18.05
C LEU B 222 -11.36 -20.20 -16.93
N GLY B 223 -11.36 -19.67 -15.70
CA GLY B 223 -10.83 -20.42 -14.58
C GLY B 223 -11.61 -21.70 -14.33
N LEU B 224 -12.94 -21.63 -14.43
CA LEU B 224 -13.76 -22.83 -14.31
C LEU B 224 -13.40 -23.85 -15.38
N ALA B 225 -13.29 -23.41 -16.63
CA ALA B 225 -12.91 -24.33 -17.71
C ALA B 225 -11.59 -25.01 -17.42
N VAL B 226 -10.55 -24.22 -17.13
CA VAL B 226 -9.23 -24.81 -16.86
C VAL B 226 -9.29 -25.73 -15.65
N ALA B 227 -9.97 -25.30 -14.57
CA ALA B 227 -9.85 -26.02 -13.30
C ALA B 227 -10.60 -27.34 -13.31
N THR B 228 -11.73 -27.43 -14.00
CA THR B 228 -12.55 -28.63 -14.03
C THR B 228 -12.37 -29.49 -15.27
N ARG B 229 -11.79 -28.95 -16.35
CA ARG B 229 -11.65 -29.64 -17.63
C ARG B 229 -12.99 -29.99 -18.25
N LYS B 230 -14.00 -29.14 -18.07
CA LYS B 230 -15.33 -29.35 -18.64
C LYS B 230 -15.71 -28.17 -19.52
N LYS B 231 -16.62 -28.42 -20.45
CA LYS B 231 -17.18 -27.34 -21.25
C LYS B 231 -17.86 -26.34 -20.34
N VAL B 232 -17.65 -25.05 -20.63
CA VAL B 232 -18.25 -23.99 -19.83
C VAL B 232 -19.01 -23.06 -20.75
N LEU B 233 -20.26 -22.78 -20.37
CA LEU B 233 -21.11 -21.77 -21.00
C LEU B 233 -21.24 -20.62 -20.01
N ALA B 234 -20.90 -19.42 -20.44
CA ALA B 234 -20.99 -18.23 -19.62
C ALA B 234 -22.11 -17.35 -20.15
N ILE B 235 -23.06 -17.01 -19.27
CA ILE B 235 -24.14 -16.10 -19.63
C ILE B 235 -24.01 -14.86 -18.76
N ASP B 236 -23.88 -13.70 -19.41
CA ASP B 236 -23.82 -12.41 -18.75
C ASP B 236 -25.23 -11.92 -18.47
N PRO B 237 -25.62 -11.75 -17.20
CA PRO B 237 -27.03 -11.36 -16.91
C PRO B 237 -27.40 -9.96 -17.34
N TYR B 238 -26.42 -9.04 -17.46
CA TYR B 238 -26.77 -7.67 -17.79
C TYR B 238 -27.02 -7.50 -19.28
N THR B 239 -26.41 -8.30 -20.12
CA THR B 239 -26.59 -8.20 -21.55
C THR B 239 -27.36 -9.37 -22.14
N LYS B 240 -27.53 -10.45 -21.38
CA LYS B 240 -28.16 -11.69 -21.82
C LYS B 240 -27.30 -12.41 -22.85
N ALA B 241 -26.16 -11.80 -23.21
CA ALA B 241 -25.24 -12.43 -24.12
C ALA B 241 -24.63 -13.67 -23.49
N PHE B 242 -24.17 -14.58 -24.34
CA PHE B 242 -23.64 -15.85 -23.89
C PHE B 242 -22.27 -16.07 -24.51
N SER B 243 -21.58 -17.08 -24.00
CA SER B 243 -20.18 -17.27 -24.37
C SER B 243 -19.79 -18.71 -24.08
N TRP B 244 -19.28 -19.39 -25.10
CA TRP B 244 -18.77 -20.75 -24.97
C TRP B 244 -17.27 -20.65 -24.78
N ILE B 245 -16.80 -21.06 -23.61
CA ILE B 245 -15.42 -20.83 -23.20
C ILE B 245 -14.50 -21.81 -23.91
N ASP B 246 -13.41 -21.29 -24.47
CA ASP B 246 -12.35 -22.10 -25.06
C ASP B 246 -11.03 -21.64 -24.47
N PRO B 247 -10.49 -22.37 -23.50
CA PRO B 247 -9.30 -21.91 -22.77
C PRO B 247 -7.99 -22.00 -23.54
N GLU B 248 -8.01 -22.54 -24.75
CA GLU B 248 -6.77 -22.85 -25.47
C GLU B 248 -5.99 -21.59 -25.78
N ARG B 249 -6.68 -20.52 -26.21
CA ARG B 249 -5.99 -19.26 -26.47
C ARG B 249 -5.38 -18.69 -25.20
N PHE B 250 -6.06 -18.83 -24.07
CA PHE B 250 -5.49 -18.36 -22.81
C PHE B 250 -4.27 -19.18 -22.42
N ILE B 251 -4.36 -20.50 -22.55
CA ILE B 251 -3.27 -21.37 -22.17
C ILE B 251 -2.06 -21.12 -23.06
N ARG B 252 -2.27 -21.07 -24.38
CA ARG B 252 -1.18 -20.68 -25.26
C ARG B 252 -0.55 -19.37 -24.79
N LYS B 253 -1.38 -18.37 -24.48
CA LYS B 253 -0.87 -17.08 -24.04
C LYS B 253 0.03 -17.21 -22.82
N ARG B 254 -0.39 -18.03 -21.86
CA ARG B 254 0.41 -18.29 -20.66
C ARG B 254 1.70 -19.01 -20.99
N TRP B 255 1.67 -19.92 -21.97
CA TRP B 255 2.85 -20.71 -22.27
C TRP B 255 3.98 -19.87 -22.84
N ALA B 256 3.65 -18.77 -23.53
CA ALA B 256 4.68 -17.85 -23.98
C ALA B 256 5.33 -17.15 -22.79
N GLN B 257 4.55 -16.85 -21.75
CA GLN B 257 5.14 -16.36 -20.51
C GLN B 257 6.08 -17.40 -19.92
N ILE B 258 5.66 -18.66 -19.89
CA ILE B 258 6.52 -19.73 -19.39
C ILE B 258 7.77 -19.84 -20.26
N ALA B 259 7.59 -19.88 -21.58
CA ALA B 259 8.74 -19.99 -22.48
C ALA B 259 9.69 -18.80 -22.31
N LYS B 260 9.14 -17.59 -22.23
CA LYS B 260 9.97 -16.41 -22.01
C LYS B 260 10.78 -16.52 -20.72
N ALA B 261 10.20 -17.14 -19.69
CA ALA B 261 10.87 -17.31 -18.42
C ALA B 261 11.85 -18.48 -18.40
N MET B 262 11.83 -19.33 -19.44
CA MET B 262 12.67 -20.51 -19.43
C MET B 262 14.17 -20.17 -19.37
N ASP B 263 14.56 -19.00 -19.86
CA ASP B 263 15.96 -18.63 -19.87
C ASP B 263 16.42 -17.95 -18.58
N ALA B 264 15.52 -17.70 -17.62
CA ALA B 264 15.87 -16.83 -16.50
C ALA B 264 16.59 -17.60 -15.40
N LYS B 265 17.68 -17.02 -14.89
CA LYS B 265 18.32 -17.54 -13.69
C LYS B 265 17.88 -16.82 -12.42
N LYS B 266 17.37 -15.59 -12.52
CA LYS B 266 17.08 -14.78 -11.33
C LYS B 266 15.57 -14.60 -11.17
N PHE B 267 15.01 -15.24 -10.15
CA PHE B 267 13.57 -15.19 -9.89
C PHE B 267 13.27 -14.47 -8.58
N GLY B 268 12.22 -13.66 -8.59
CA GLY B 268 11.62 -13.12 -7.39
C GLY B 268 10.30 -13.82 -7.12
N VAL B 269 10.11 -14.23 -5.88
CA VAL B 269 8.92 -14.97 -5.46
C VAL B 269 8.16 -14.13 -4.44
N ILE B 270 6.96 -13.70 -4.82
CA ILE B 270 6.25 -12.61 -4.17
C ILE B 270 5.11 -13.16 -3.32
N VAL B 271 5.01 -12.66 -2.08
CA VAL B 271 3.85 -12.87 -1.21
C VAL B 271 3.20 -11.53 -0.96
N SER B 272 1.96 -11.60 -0.48
CA SER B 272 1.18 -10.44 -0.07
C SER B 272 0.82 -10.62 1.40
N ILE B 273 0.97 -9.54 2.18
CA ILE B 273 0.67 -9.58 3.61
C ILE B 273 -0.81 -9.55 3.90
N LYS B 274 -1.65 -9.26 2.88
CA LYS B 274 -3.09 -9.37 3.01
C LYS B 274 -3.44 -10.70 3.65
N LYS B 275 -4.34 -10.66 4.64
CA LYS B 275 -4.48 -11.78 5.57
C LYS B 275 -4.92 -13.05 4.86
N GLY B 276 -5.96 -12.94 4.02
CA GLY B 276 -6.34 -14.10 3.26
C GLY B 276 -5.53 -14.36 2.00
N GLN B 277 -4.46 -13.61 1.76
CA GLN B 277 -3.63 -13.82 0.60
C GLN B 277 -2.21 -14.27 0.91
N LEU B 278 -1.79 -14.24 2.17
CA LEU B 278 -0.42 -14.57 2.50
C LEU B 278 -0.20 -16.07 2.38
N ARG B 279 0.80 -16.46 1.60
CA ARG B 279 1.08 -17.88 1.36
C ARG B 279 2.58 -18.11 1.56
N LEU B 280 3.04 -17.85 2.78
CA LEU B 280 4.47 -17.83 3.05
C LEU B 280 5.09 -19.19 2.78
N ALA B 281 4.52 -20.23 3.38
CA ALA B 281 5.05 -21.58 3.25
C ALA B 281 5.21 -21.96 1.78
N GLU B 282 4.14 -21.81 1.00
CA GLU B 282 4.19 -22.17 -0.41
C GLU B 282 5.26 -21.37 -1.14
N ALA B 283 5.35 -20.08 -0.85
CA ALA B 283 6.38 -19.25 -1.45
C ALA B 283 7.78 -19.73 -1.09
N LYS B 284 8.00 -20.06 0.19
CA LYS B 284 9.29 -20.62 0.59
C LYS B 284 9.62 -21.86 -0.24
N ARG B 285 8.63 -22.72 -0.49
CA ARG B 285 8.90 -23.95 -1.22
C ARG B 285 9.27 -23.64 -2.66
N ILE B 286 8.63 -22.66 -3.27
CA ILE B 286 9.01 -22.23 -4.61
C ILE B 286 10.45 -21.74 -4.63
N VAL B 287 10.83 -20.96 -3.60
CA VAL B 287 12.21 -20.50 -3.49
C VAL B 287 13.15 -21.69 -3.40
N LYS B 288 12.86 -22.60 -2.48
CA LYS B 288 13.67 -23.82 -2.34
C LYS B 288 13.70 -24.61 -3.65
N LEU B 289 12.56 -24.68 -4.33
CA LEU B 289 12.45 -25.49 -5.54
C LEU B 289 13.26 -24.90 -6.69
N LEU B 290 13.27 -23.56 -6.79
CA LEU B 290 14.04 -22.93 -7.85
C LEU B 290 15.54 -23.10 -7.60
N LYS B 291 15.98 -22.92 -6.35
CA LYS B 291 17.39 -23.09 -6.04
C LYS B 291 17.84 -24.52 -6.32
N LYS B 292 17.00 -25.50 -6.00
CA LYS B 292 17.31 -26.90 -6.24
C LYS B 292 17.33 -27.25 -7.73
N HIS B 293 16.92 -26.33 -8.60
CA HIS B 293 16.97 -26.52 -10.05
C HIS B 293 17.89 -25.49 -10.69
N GLY B 294 19.01 -25.19 -10.04
CA GLY B 294 20.00 -24.29 -10.60
C GLY B 294 19.53 -22.87 -10.87
N ARG B 295 18.52 -22.40 -10.15
CA ARG B 295 18.08 -21.01 -10.25
C ARG B 295 18.31 -20.27 -8.93
N GLU B 296 18.41 -18.96 -9.03
CA GLU B 296 18.42 -18.10 -7.86
C GLU B 296 17.01 -17.59 -7.60
N ALA B 297 16.62 -17.57 -6.33
CA ALA B 297 15.28 -17.14 -5.97
C ALA B 297 15.32 -16.34 -4.68
N ARG B 298 14.50 -15.29 -4.62
CA ARG B 298 14.40 -14.42 -3.46
C ARG B 298 12.94 -14.22 -3.12
N LEU B 299 12.57 -14.54 -1.88
CA LEU B 299 11.24 -14.22 -1.40
C LEU B 299 11.09 -12.71 -1.25
N ILE B 300 9.96 -12.19 -1.72
CA ILE B 300 9.65 -10.76 -1.70
C ILE B 300 8.31 -10.56 -1.00
N VAL B 301 8.24 -9.60 -0.09
CA VAL B 301 7.07 -9.36 0.74
C VAL B 301 6.45 -8.03 0.30
N MET B 302 5.14 -8.05 0.00
CA MET B 302 4.43 -6.86 -0.46
C MET B 302 3.05 -6.82 0.18
N ASN B 303 2.38 -5.67 0.03
CA ASN B 303 0.97 -5.62 0.34
C ASN B 303 0.20 -5.74 -0.97
N ASP B 304 0.01 -4.62 -1.65
CA ASP B 304 -0.50 -4.65 -3.01
C ASP B 304 0.63 -5.08 -3.94
N VAL B 305 0.43 -6.20 -4.61
CA VAL B 305 1.42 -6.78 -5.54
C VAL B 305 1.27 -6.04 -6.86
N ASN B 306 2.12 -5.06 -7.14
CA ASN B 306 2.10 -4.52 -8.50
C ASN B 306 3.50 -4.28 -9.02
N TYR B 307 3.68 -4.65 -10.30
CA TYR B 307 5.00 -4.78 -10.93
C TYR B 307 5.75 -3.48 -10.92
N HIS B 308 5.04 -2.36 -10.98
CA HIS B 308 5.68 -1.05 -11.09
C HIS B 308 6.66 -0.82 -9.95
N LYS B 309 6.43 -1.45 -8.80
CA LYS B 309 7.30 -1.30 -7.65
C LYS B 309 8.56 -2.14 -7.75
N LEU B 310 8.57 -3.15 -8.61
CA LEU B 310 9.67 -4.10 -8.66
C LEU B 310 10.72 -3.77 -9.71
N GLU B 311 10.51 -2.77 -10.55
CA GLU B 311 11.30 -2.66 -11.77
C GLU B 311 12.79 -2.44 -11.50
N GLY B 312 13.16 -2.12 -10.26
CA GLY B 312 14.56 -1.84 -9.96
C GLY B 312 15.31 -3.08 -9.55
N PHE B 313 14.58 -4.11 -9.12
CA PHE B 313 15.21 -5.31 -8.63
C PHE B 313 15.94 -6.03 -9.78
N PRO B 314 16.90 -6.89 -9.48
CA PRO B 314 17.67 -7.54 -10.53
C PRO B 314 17.04 -8.82 -11.10
N PHE B 315 15.84 -9.17 -10.67
CA PHE B 315 15.24 -10.44 -11.07
C PHE B 315 14.78 -10.41 -12.52
N GLU B 316 14.89 -11.57 -13.19
CA GLU B 316 14.56 -11.70 -14.61
C GLU B 316 13.13 -12.16 -14.84
N ALA B 317 12.55 -12.87 -13.87
CA ALA B 317 11.19 -13.34 -13.93
C ALA B 317 10.63 -13.33 -12.52
N TYR B 318 9.31 -13.38 -12.42
CA TYR B 318 8.64 -13.30 -11.14
C TYR B 318 7.60 -14.41 -11.02
N VAL B 319 7.39 -14.86 -9.79
CA VAL B 319 6.31 -15.76 -9.44
C VAL B 319 5.48 -15.07 -8.37
N VAL B 320 4.19 -14.88 -8.63
CA VAL B 320 3.28 -14.36 -7.62
C VAL B 320 2.63 -15.52 -6.89
N VAL B 321 2.87 -15.59 -5.57
CA VAL B 321 2.19 -16.56 -4.72
C VAL B 321 1.20 -15.82 -3.84
N ALA B 322 0.13 -15.31 -4.45
CA ALA B 322 -0.87 -14.51 -3.75
C ALA B 322 -2.23 -14.64 -4.43
N CYS B 323 -2.93 -13.50 -4.63
CA CYS B 323 -4.15 -13.48 -5.44
C CYS B 323 -3.80 -13.96 -6.84
N PRO B 324 -4.31 -15.12 -7.25
CA PRO B 324 -3.98 -15.65 -8.58
C PRO B 324 -4.36 -14.72 -9.73
N ARG B 325 -5.34 -13.81 -9.54
CA ARG B 325 -5.74 -12.91 -10.61
C ARG B 325 -4.70 -11.83 -10.90
N VAL B 326 -3.58 -11.81 -10.20
CA VAL B 326 -2.56 -10.78 -10.42
C VAL B 326 -1.67 -11.19 -11.60
N PRO B 327 -0.99 -12.34 -11.59
CA PRO B 327 -0.26 -12.73 -12.82
C PRO B 327 -1.18 -13.08 -13.98
N LEU B 328 -2.32 -13.74 -13.70
CA LEU B 328 -3.26 -14.14 -14.76
C LEU B 328 -4.05 -12.95 -15.33
N ASP B 329 -3.70 -11.72 -14.96
CA ASP B 329 -4.27 -10.51 -15.55
C ASP B 329 -3.23 -9.42 -15.69
N TRP B 334 3.27 -5.83 -17.02
CA TRP B 334 4.49 -6.51 -16.59
C TRP B 334 5.44 -6.72 -17.77
N ARG B 335 6.58 -6.03 -17.75
CA ARG B 335 7.54 -6.12 -18.84
C ARG B 335 8.44 -7.34 -18.73
N LYS B 336 8.50 -7.99 -17.54
CA LYS B 336 9.20 -9.26 -17.28
C LYS B 336 8.18 -10.35 -16.94
N PRO B 337 8.46 -11.62 -17.24
CA PRO B 337 7.42 -12.64 -17.12
C PRO B 337 7.08 -12.89 -15.66
N VAL B 338 5.80 -13.01 -15.39
CA VAL B 338 5.30 -13.23 -14.05
C VAL B 338 4.39 -14.45 -14.08
N LEU B 339 4.69 -15.41 -13.21
CA LEU B 339 4.13 -16.74 -13.28
C LEU B 339 3.36 -17.04 -12.00
N THR B 340 2.44 -18.00 -12.09
CA THR B 340 1.81 -18.56 -10.91
C THR B 340 2.67 -19.69 -10.36
N PRO B 341 2.40 -20.14 -9.13
CA PRO B 341 3.08 -21.34 -8.62
C PRO B 341 2.97 -22.56 -9.54
N LYS B 342 1.77 -22.89 -10.00
CA LYS B 342 1.63 -24.05 -10.89
C LYS B 342 2.47 -23.85 -12.14
N GLU B 343 2.42 -22.65 -12.71
CA GLU B 343 3.17 -22.36 -13.92
C GLU B 343 4.67 -22.53 -13.70
N VAL B 344 5.18 -22.13 -12.54
CA VAL B 344 6.61 -22.33 -12.31
C VAL B 344 6.90 -23.81 -12.16
N GLU B 345 5.93 -24.58 -11.70
CA GLU B 345 6.12 -26.03 -11.67
C GLU B 345 6.20 -26.59 -13.08
N ILE B 346 5.44 -26.01 -14.01
CA ILE B 346 5.53 -26.41 -15.41
C ILE B 346 6.87 -25.99 -15.98
N LEU B 347 7.25 -24.73 -15.76
CA LEU B 347 8.54 -24.24 -16.23
C LEU B 347 9.68 -25.16 -15.79
N LEU B 348 9.60 -25.67 -14.55
CA LEU B 348 10.65 -26.55 -14.06
C LEU B 348 10.48 -27.99 -14.51
N GLY B 349 9.43 -28.29 -15.29
CA GLY B 349 9.21 -29.65 -15.73
C GLY B 349 8.74 -30.59 -14.64
N LEU B 350 8.06 -30.07 -13.62
CA LEU B 350 7.54 -30.93 -12.56
C LEU B 350 6.05 -31.20 -12.74
N ARG B 351 5.42 -30.48 -13.67
CA ARG B 351 4.00 -30.55 -13.96
C ARG B 351 3.84 -30.36 -15.47
N GLU B 352 2.90 -31.08 -16.08
CA GLU B 352 2.70 -31.04 -17.52
C GLU B 352 1.39 -30.35 -17.88
N GLU B 353 0.27 -30.82 -17.33
CA GLU B 353 -1.01 -30.18 -17.59
C GLU B 353 -1.04 -28.80 -16.95
N TYR B 354 -1.57 -27.83 -17.70
CA TYR B 354 -1.78 -26.51 -17.16
C TYR B 354 -2.77 -26.58 -16.00
N GLU B 355 -2.57 -25.72 -15.01
CA GLU B 355 -3.45 -25.67 -13.86
C GLU B 355 -3.63 -24.22 -13.41
N PHE B 356 -4.88 -23.84 -13.20
CA PHE B 356 -5.18 -22.58 -12.56
C PHE B 356 -4.66 -22.59 -11.14
N ASP B 357 -4.15 -21.46 -10.70
CA ASP B 357 -3.71 -21.35 -9.31
C ASP B 357 -4.92 -20.96 -8.48
N GLU B 358 -5.21 -21.75 -7.46
CA GLU B 358 -6.33 -21.52 -6.56
C GLU B 358 -5.82 -21.51 -5.13
N ILE B 359 -6.42 -20.66 -4.31
CA ILE B 359 -6.26 -20.74 -2.87
C ILE B 359 -7.46 -21.51 -2.34
N LEU B 360 -7.19 -22.70 -1.81
CA LEU B 360 -8.25 -23.51 -1.24
C LEU B 360 -8.36 -23.28 0.26
N GLY B 361 -9.54 -23.61 0.80
CA GLY B 361 -9.75 -23.73 2.21
C GLY B 361 -10.11 -25.16 2.56
N GLY B 362 -10.36 -25.38 3.84
CA GLY B 362 -10.86 -26.66 4.29
C GLY B 362 -12.37 -26.66 4.28
N PRO B 363 -12.98 -27.64 4.96
CA PRO B 363 -14.45 -27.72 4.98
C PRO B 363 -15.09 -26.49 5.62
N ARG B 364 -16.27 -26.13 5.12
CA ARG B 364 -17.05 -25.04 5.66
C ARG B 364 -18.32 -25.61 6.26
N GLU B 365 -18.51 -25.40 7.56
CA GLU B 365 -19.61 -26.06 8.24
C GLU B 365 -20.95 -25.42 7.89
N SER B 366 -21.01 -24.10 7.84
CA SER B 366 -22.26 -23.36 7.67
C SER B 366 -22.12 -22.39 6.50
N ASP B 367 -23.24 -21.75 6.16
CA ASP B 367 -23.33 -20.85 5.01
C ASP B 367 -23.53 -19.42 5.49
N GLU B 368 -22.90 -18.47 4.82
CA GLU B 368 -23.12 -17.07 5.13
C GLU B 368 -24.57 -16.70 4.81
N PRO B 369 -25.14 -15.73 5.53
CA PRO B 369 -26.53 -15.33 5.27
C PRO B 369 -26.66 -14.47 4.02
N PHE B 370 -27.82 -14.57 3.39
CA PHE B 370 -28.10 -13.70 2.25
C PHE B 370 -28.39 -12.29 2.75
N GLY B 371 -27.41 -11.69 3.41
CA GLY B 371 -27.60 -10.42 4.08
C GLY B 371 -26.32 -10.03 4.78
N ILE B 372 -26.43 -9.13 5.76
CA ILE B 372 -25.25 -8.72 6.51
C ILE B 372 -24.92 -9.81 7.54
N SER B 373 -23.63 -9.95 7.79
CA SER B 373 -23.11 -10.88 8.78
C SER B 373 -22.11 -10.15 9.65
N ILE B 374 -21.81 -10.77 10.79
CA ILE B 374 -20.90 -10.18 11.76
C ILE B 374 -20.08 -11.30 12.37
N HIS B 375 -18.75 -11.12 12.37
CA HIS B 375 -17.82 -12.14 12.83
C HIS B 375 -16.75 -11.49 13.69
N SER B 376 -16.06 -12.34 14.43
CA SER B 376 -14.94 -11.92 15.25
C SER B 376 -14.12 -13.16 15.58
N THR B 377 -12.89 -12.94 16.02
CA THR B 377 -12.04 -14.03 16.42
C THR B 377 -11.38 -13.71 17.75
#